data_3ULS
#
_entry.id   3ULS
#
_cell.length_a   75.800
_cell.length_b   80.210
_cell.length_c   83.050
_cell.angle_alpha   90.00
_cell.angle_beta   115.60
_cell.angle_gamma   90.00
#
_symmetry.space_group_name_H-M   'P 1 21 1'
#
loop_
_entity.id
_entity.type
_entity.pdbx_description
1 polymer 'Fab12 light chain'
2 polymer 'Fab12 heavy chain'
3 water water
#
loop_
_entity_poly.entity_id
_entity_poly.type
_entity_poly.pdbx_seq_one_letter_code
_entity_poly.pdbx_strand_id
1 'polypeptide(L)'
;(PCA)SVLTQPPSVSVAPGQTARISCSGDNIGSYYVHWYQQKPGQAPVLVIYEDSERPSGIPERFSGSNSGNTATLTISG
TQAEDEADYYCSSYDDPNFQVFGGGTKLTVLGQPKAAPSVTLFPPSSEELQANKATLVCLISDFYPGAVTVAWKADSSPV
KAGVETTTPSKQSNNKYAASSYLSLTPEQWKSHRSYSCQVTHEGSTVEKTVAPTECS
;
L,A
2 'polypeptide(L)'
;QVQLQQSGPGLVKPSQTLSLTCAISGDSVSSNSAAWGWIRQSPGRGLEWLGIIQKRSKWYNNYAVSVKSRITINPDTSKN
QFSLQLNSVTPEDTAVYYCARYSYPFYSIDYWGQGTLVTVSSASTKGPSVFPLAPCSRSTSESTAALGCLVKDYFPEPVT
VSWNSGALTSGVHTFPAVLQSSGLYSLSSVVTVPSSSLGTKTYTCNVDHKPSNTKVDKRVHHHHHH
;
H,B
#
# COMPACT_ATOMS: atom_id res chain seq x y z
N SER A 2 6.30 -10.12 -11.35
CA SER A 2 6.74 -11.38 -10.77
C SER A 2 7.66 -11.12 -9.56
N VAL A 3 7.80 -12.14 -8.72
CA VAL A 3 8.67 -12.05 -7.54
C VAL A 3 9.71 -13.15 -7.55
N LEU A 4 10.98 -12.77 -7.37
CA LEU A 4 12.05 -13.74 -7.27
C LEU A 4 12.47 -13.87 -5.81
N THR A 5 12.19 -15.03 -5.22
CA THR A 5 12.45 -15.24 -3.80
C THR A 5 13.88 -15.70 -3.54
N GLN A 6 14.58 -14.93 -2.71
CA GLN A 6 15.92 -15.30 -2.27
C GLN A 6 15.96 -15.46 -0.75
N PRO A 7 16.84 -16.34 -0.26
CA PRO A 7 17.07 -16.40 1.19
C PRO A 7 17.73 -15.11 1.66
N PRO A 8 17.28 -14.57 2.80
CA PRO A 8 17.85 -13.32 3.32
C PRO A 8 19.34 -13.46 3.66
N SER A 9 19.73 -14.64 4.12
CA SER A 9 21.09 -14.87 4.60
C SER A 9 21.66 -16.22 4.19
N VAL A 10 22.92 -16.22 3.81
CA VAL A 10 23.68 -17.46 3.64
C VAL A 10 25.08 -17.27 4.24
N SER A 11 25.44 -18.14 5.18
CA SER A 11 26.77 -18.07 5.78
C SER A 11 27.63 -19.24 5.31
N VAL A 12 28.95 -19.05 5.34
CA VAL A 12 29.87 -20.03 4.82
C VAL A 12 31.28 -19.83 5.40
N ALA A 13 31.95 -20.94 5.73
CA ALA A 13 33.32 -20.88 6.21
C ALA A 13 34.27 -20.74 5.03
N PRO A 14 35.43 -20.09 5.22
CA PRO A 14 36.37 -19.88 4.12
C PRO A 14 36.78 -21.19 3.45
N GLY A 15 36.65 -21.25 2.13
CA GLY A 15 37.07 -22.41 1.37
C GLY A 15 36.00 -23.47 1.18
N GLN A 16 34.79 -23.18 1.63
CA GLN A 16 33.68 -24.10 1.44
C GLN A 16 32.67 -23.54 0.43
N THR A 17 31.74 -24.39 -0.01
CA THR A 17 30.85 -24.02 -1.11
C THR A 17 29.57 -23.35 -0.65
N ALA A 18 29.31 -22.17 -1.22
CA ALA A 18 28.07 -21.45 -0.95
C ALA A 18 27.10 -21.61 -2.11
N ARG A 19 25.83 -21.82 -1.79
CA ARG A 19 24.79 -21.90 -2.81
C ARG A 19 23.65 -20.95 -2.46
N ILE A 20 23.33 -20.06 -3.39
CA ILE A 20 22.30 -19.06 -3.17
C ILE A 20 21.16 -19.26 -4.15
N SER A 21 19.97 -19.49 -3.62
CA SER A 21 18.81 -19.79 -4.45
C SER A 21 18.10 -18.54 -4.96
N CYS A 22 17.23 -18.75 -5.93
CA CYS A 22 16.42 -17.68 -6.50
C CYS A 22 15.17 -18.31 -7.09
N SER A 23 14.24 -18.67 -6.23
CA SER A 23 13.04 -19.40 -6.64
C SER A 23 12.03 -18.49 -7.31
N GLY A 24 11.23 -19.07 -8.21
CA GLY A 24 10.21 -18.33 -8.93
C GLY A 24 9.44 -19.21 -9.89
N ASP A 25 8.20 -18.83 -10.16
CA ASP A 25 7.33 -19.58 -11.05
C ASP A 25 7.87 -19.61 -12.48
N ASN A 26 8.47 -20.73 -12.87
CA ASN A 26 9.06 -20.92 -14.19
C ASN A 26 10.10 -19.88 -14.55
N ILE A 27 11.04 -19.64 -13.64
CA ILE A 27 12.13 -18.70 -13.89
C ILE A 27 13.19 -19.33 -14.79
N GLY A 28 13.06 -20.64 -14.98
CA GLY A 28 13.96 -21.37 -15.86
C GLY A 28 13.64 -21.15 -17.32
N SER A 29 12.57 -20.42 -17.60
CA SER A 29 12.15 -20.12 -18.97
C SER A 29 12.81 -18.88 -19.52
N TYR A 30 13.42 -18.09 -18.64
CA TYR A 30 14.14 -16.89 -19.04
C TYR A 30 15.50 -16.83 -18.38
N TYR A 31 16.41 -16.07 -19.00
CA TYR A 31 17.77 -15.95 -18.49
C TYR A 31 17.81 -15.21 -17.16
N VAL A 32 18.76 -15.59 -16.31
CA VAL A 32 18.93 -14.96 -15.01
C VAL A 32 20.32 -14.36 -14.88
N HIS A 33 20.38 -13.12 -14.39
CA HIS A 33 21.66 -12.44 -14.14
C HIS A 33 21.95 -12.39 -12.65
N TRP A 34 23.24 -12.37 -12.30
CA TRP A 34 23.65 -12.27 -10.90
C TRP A 34 24.54 -11.06 -10.65
N TYR A 35 24.21 -10.29 -9.62
CA TYR A 35 24.97 -9.11 -9.27
C TYR A 35 25.53 -9.19 -7.84
N GLN A 36 26.78 -8.79 -7.69
CA GLN A 36 27.40 -8.72 -6.38
C GLN A 36 27.45 -7.26 -5.93
N GLN A 37 27.06 -7.01 -4.69
CA GLN A 37 27.09 -5.65 -4.17
C GLN A 37 27.71 -5.56 -2.78
N LYS A 38 28.74 -4.73 -2.66
CA LYS A 38 29.36 -4.44 -1.38
C LYS A 38 28.90 -3.07 -0.91
N PRO A 39 28.87 -2.85 0.42
CA PRO A 39 28.41 -1.57 0.98
C PRO A 39 29.19 -0.37 0.42
N GLY A 40 28.45 0.66 0.02
CA GLY A 40 29.06 1.89 -0.47
C GLY A 40 29.44 1.86 -1.94
N GLN A 41 29.21 0.72 -2.59
CA GLN A 41 29.56 0.56 -4.00
C GLN A 41 28.35 0.20 -4.84
N ALA A 42 28.44 0.50 -6.13
CA ALA A 42 27.45 0.06 -7.10
C ALA A 42 27.62 -1.44 -7.31
N PRO A 43 26.53 -2.15 -7.70
CA PRO A 43 26.61 -3.59 -7.91
C PRO A 43 27.54 -3.98 -9.05
N VAL A 44 27.98 -5.24 -9.05
CA VAL A 44 28.88 -5.76 -10.08
C VAL A 44 28.33 -7.06 -10.66
N LEU A 45 28.19 -7.11 -11.98
CA LEU A 45 27.73 -8.31 -12.66
C LEU A 45 28.77 -9.41 -12.52
N VAL A 46 28.34 -10.56 -12.01
CA VAL A 46 29.23 -11.70 -11.84
C VAL A 46 28.83 -12.87 -12.75
N ILE A 47 27.55 -12.94 -13.11
CA ILE A 47 27.05 -13.98 -14.00
C ILE A 47 25.91 -13.47 -14.88
N TYR A 48 26.00 -13.73 -16.17
CA TYR A 48 24.92 -13.40 -17.09
C TYR A 48 24.52 -14.64 -17.89
N GLU A 49 23.31 -14.64 -18.42
CA GLU A 49 22.81 -15.75 -19.23
C GLU A 49 22.87 -17.07 -18.47
N ASP A 50 22.22 -17.10 -17.30
CA ASP A 50 22.18 -18.27 -16.42
C ASP A 50 23.53 -18.67 -15.82
N SER A 51 24.54 -18.87 -16.67
CA SER A 51 25.78 -19.50 -16.19
C SER A 51 27.08 -18.92 -16.76
N GLU A 52 26.98 -17.84 -17.54
CA GLU A 52 28.17 -17.28 -18.16
C GLU A 52 28.86 -16.25 -17.27
N ARG A 53 30.18 -16.34 -17.16
CA ARG A 53 30.96 -15.36 -16.42
C ARG A 53 31.54 -14.32 -17.36
N PRO A 54 31.27 -13.03 -17.08
CA PRO A 54 31.93 -11.96 -17.84
C PRO A 54 33.41 -11.91 -17.53
N SER A 55 34.16 -11.13 -18.30
CA SER A 55 35.60 -11.02 -18.10
C SER A 55 35.93 -10.49 -16.70
N GLY A 56 36.97 -11.06 -16.10
CA GLY A 56 37.43 -10.60 -14.80
C GLY A 56 36.87 -11.42 -13.65
N ILE A 57 35.65 -11.92 -13.81
CA ILE A 57 34.99 -12.69 -12.76
C ILE A 57 35.66 -14.05 -12.58
N PRO A 58 36.17 -14.31 -11.35
CA PRO A 58 36.87 -15.54 -11.00
C PRO A 58 36.05 -16.77 -11.32
N GLU A 59 36.72 -17.89 -11.65
CA GLU A 59 36.02 -19.09 -12.09
C GLU A 59 35.36 -19.84 -10.94
N ARG A 60 35.61 -19.41 -9.71
CA ARG A 60 35.00 -20.05 -8.55
C ARG A 60 33.52 -19.69 -8.46
N PHE A 61 33.10 -18.71 -9.26
CA PHE A 61 31.68 -18.38 -9.37
C PHE A 61 31.05 -19.18 -10.49
N SER A 62 29.88 -19.75 -10.23
CA SER A 62 29.17 -20.54 -11.23
C SER A 62 27.65 -20.35 -11.09
N GLY A 63 26.93 -20.56 -12.20
CA GLY A 63 25.50 -20.31 -12.22
C GLY A 63 24.69 -21.45 -12.79
N SER A 64 23.40 -21.45 -12.48
CA SER A 64 22.49 -22.51 -12.93
C SER A 64 21.06 -22.00 -12.95
N ASN A 65 20.22 -22.65 -13.76
CA ASN A 65 18.82 -22.25 -13.89
C ASN A 65 18.00 -23.36 -14.53
N SER A 66 17.04 -23.88 -13.79
CA SER A 66 16.22 -24.98 -14.28
C SER A 66 14.90 -25.09 -13.52
N GLY A 67 13.81 -24.93 -14.26
CA GLY A 67 12.48 -25.06 -13.68
C GLY A 67 12.08 -23.86 -12.86
N ASN A 68 12.04 -24.03 -11.54
CA ASN A 68 11.63 -22.97 -10.64
C ASN A 68 12.75 -22.49 -9.72
N THR A 69 13.97 -22.93 -9.99
CA THR A 69 15.09 -22.58 -9.13
C THR A 69 16.36 -22.21 -9.90
N ALA A 70 16.81 -20.97 -9.72
CA ALA A 70 18.10 -20.54 -10.23
C ALA A 70 19.08 -20.46 -9.07
N THR A 71 20.28 -21.00 -9.24
CA THR A 71 21.24 -21.09 -8.16
C THR A 71 22.60 -20.49 -8.51
N LEU A 72 23.07 -19.57 -7.68
CA LEU A 72 24.43 -19.07 -7.78
C LEU A 72 25.31 -19.86 -6.81
N THR A 73 26.34 -20.51 -7.35
CA THR A 73 27.23 -21.31 -6.52
C THR A 73 28.65 -20.75 -6.51
N ILE A 74 29.23 -20.67 -5.32
CA ILE A 74 30.60 -20.22 -5.17
C ILE A 74 31.44 -21.32 -4.54
N SER A 75 32.48 -21.75 -5.25
CA SER A 75 33.36 -22.80 -4.76
C SER A 75 34.61 -22.21 -4.11
N GLY A 76 34.98 -22.74 -2.95
CA GLY A 76 36.11 -22.24 -2.20
C GLY A 76 35.95 -20.75 -1.91
N THR A 77 34.83 -20.39 -1.30
CA THR A 77 34.48 -18.99 -1.04
C THR A 77 35.58 -18.22 -0.33
N GLN A 78 36.03 -17.14 -0.95
CA GLN A 78 37.04 -16.27 -0.35
C GLN A 78 36.39 -15.25 0.57
N ALA A 79 37.17 -14.72 1.50
CA ALA A 79 36.69 -13.69 2.42
C ALA A 79 36.15 -12.48 1.66
N GLU A 80 36.81 -12.15 0.54
CA GLU A 80 36.41 -11.02 -0.28
C GLU A 80 35.08 -11.24 -1.00
N ASP A 81 34.60 -12.49 -1.01
CA ASP A 81 33.34 -12.81 -1.67
C ASP A 81 32.16 -12.37 -0.82
N GLU A 82 32.43 -12.00 0.43
CA GLU A 82 31.37 -11.55 1.32
C GLU A 82 30.73 -10.26 0.81
N ALA A 83 29.44 -10.35 0.48
CA ALA A 83 28.70 -9.22 -0.07
C ALA A 83 27.21 -9.55 -0.15
N ASP A 84 26.47 -8.70 -0.86
CA ASP A 84 25.07 -8.96 -1.16
C ASP A 84 24.96 -9.51 -2.58
N TYR A 85 24.17 -10.56 -2.74
CA TYR A 85 23.97 -11.15 -4.05
C TYR A 85 22.52 -11.07 -4.50
N TYR A 86 22.31 -10.37 -5.61
CA TYR A 86 20.98 -10.20 -6.17
C TYR A 86 20.87 -10.94 -7.49
N CYS A 87 19.78 -11.65 -7.69
CA CYS A 87 19.49 -12.24 -8.99
C CYS A 87 18.48 -11.36 -9.71
N SER A 88 18.47 -11.44 -11.04
CA SER A 88 17.54 -10.66 -11.84
C SER A 88 17.15 -11.42 -13.10
N SER A 89 15.93 -11.18 -13.58
CA SER A 89 15.47 -11.81 -14.82
C SER A 89 14.49 -10.91 -15.56
N TYR A 90 13.50 -11.51 -16.21
CA TYR A 90 12.55 -10.78 -17.03
C TYR A 90 11.26 -11.56 -17.24
N ASP A 91 10.14 -11.00 -16.79
CA ASP A 91 8.84 -11.58 -17.07
C ASP A 91 8.06 -10.68 -18.02
N ASP A 92 6.75 -10.60 -17.84
CA ASP A 92 5.93 -9.77 -18.71
C ASP A 92 4.85 -9.02 -17.93
N PRO A 93 4.57 -7.76 -18.34
CA PRO A 93 5.30 -7.04 -19.39
C PRO A 93 6.55 -6.29 -18.90
N ASN A 94 6.72 -6.17 -17.59
CA ASN A 94 7.85 -5.43 -17.02
C ASN A 94 9.20 -5.95 -17.49
N PHE A 95 10.16 -5.03 -17.65
CA PHE A 95 11.45 -5.36 -18.23
C PHE A 95 12.40 -6.06 -17.25
N GLN A 96 12.36 -5.66 -15.98
CA GLN A 96 13.32 -6.18 -15.02
C GLN A 96 12.75 -6.38 -13.61
N VAL A 97 13.12 -7.49 -12.99
CA VAL A 97 12.76 -7.77 -11.61
C VAL A 97 13.96 -8.32 -10.85
N PHE A 98 14.18 -7.83 -9.63
CA PHE A 98 15.27 -8.28 -8.80
C PHE A 98 14.76 -9.16 -7.67
N GLY A 99 15.60 -10.11 -7.24
CA GLY A 99 15.30 -10.90 -6.06
C GLY A 99 15.49 -10.04 -4.84
N GLY A 100 14.95 -10.48 -3.70
CA GLY A 100 15.02 -9.71 -2.46
C GLY A 100 16.44 -9.46 -2.01
N GLY A 101 17.36 -10.34 -2.43
CA GLY A 101 18.75 -10.20 -2.05
C GLY A 101 19.18 -11.25 -1.05
N THR A 102 20.49 -11.52 -1.01
CA THR A 102 21.02 -12.49 -0.08
C THR A 102 22.36 -12.02 0.47
N LYS A 103 22.43 -11.84 1.78
CA LYS A 103 23.69 -11.50 2.43
C LYS A 103 24.54 -12.75 2.56
N LEU A 104 25.70 -12.77 1.89
CA LEU A 104 26.64 -13.87 2.03
C LEU A 104 27.75 -13.53 3.02
N THR A 105 27.82 -14.28 4.11
CA THR A 105 28.82 -14.04 5.15
C THR A 105 29.91 -15.10 5.13
N VAL A 106 31.16 -14.67 5.20
CA VAL A 106 32.28 -15.61 5.32
C VAL A 106 32.72 -15.64 6.78
N LEU A 107 32.48 -16.76 7.44
CA LEU A 107 32.67 -16.91 8.88
C LEU A 107 34.07 -16.54 9.36
N GLY A 108 34.15 -15.51 10.19
CA GLY A 108 35.39 -15.09 10.81
C GLY A 108 35.35 -15.32 12.30
N GLN A 109 34.19 -15.78 12.77
CA GLN A 109 33.96 -16.09 14.17
C GLN A 109 32.76 -17.02 14.28
N PRO A 110 32.64 -17.76 15.38
CA PRO A 110 31.52 -18.68 15.56
C PRO A 110 30.16 -18.00 15.46
N LYS A 111 29.17 -18.71 14.92
CA LYS A 111 27.81 -18.19 14.85
C LYS A 111 27.31 -17.90 16.25
N ALA A 112 26.50 -16.86 16.37
CA ALA A 112 25.97 -16.46 17.68
C ALA A 112 24.50 -16.08 17.58
N ALA A 113 23.68 -16.72 18.40
CA ALA A 113 22.25 -16.43 18.45
C ALA A 113 22.00 -15.04 19.00
N PRO A 114 20.94 -14.37 18.53
CA PRO A 114 20.63 -13.00 18.95
C PRO A 114 20.10 -12.89 20.37
N SER A 115 20.48 -11.81 21.05
CA SER A 115 19.86 -11.46 22.33
C SER A 115 18.73 -10.49 22.04
N VAL A 116 17.53 -10.87 22.44
CA VAL A 116 16.36 -10.06 22.18
C VAL A 116 15.72 -9.57 23.47
N THR A 117 15.57 -8.26 23.60
CA THR A 117 14.84 -7.67 24.70
C THR A 117 13.74 -6.78 24.15
N LEU A 118 12.54 -6.93 24.70
CA LEU A 118 11.40 -6.13 24.25
C LEU A 118 10.87 -5.28 25.39
N PHE A 119 10.88 -3.96 25.19
CA PHE A 119 10.37 -3.03 26.20
C PHE A 119 9.01 -2.51 25.82
N PRO A 120 8.09 -2.44 26.80
CA PRO A 120 6.76 -1.88 26.58
C PRO A 120 6.83 -0.36 26.56
N PRO A 121 5.75 0.32 26.15
CA PRO A 121 5.74 1.78 26.26
C PRO A 121 5.81 2.18 27.73
N SER A 122 6.50 3.28 28.03
CA SER A 122 6.58 3.78 29.40
C SER A 122 5.35 4.62 29.72
N SER A 123 5.03 4.73 30.99
CA SER A 123 3.86 5.49 31.42
C SER A 123 3.99 6.97 31.12
N GLU A 124 5.23 7.46 31.09
CA GLU A 124 5.49 8.86 30.72
C GLU A 124 5.07 9.12 29.27
N GLU A 125 5.37 8.18 28.39
CA GLU A 125 5.02 8.32 26.98
C GLU A 125 3.51 8.23 26.81
N LEU A 126 2.88 7.38 27.62
CA LEU A 126 1.43 7.24 27.61
C LEU A 126 0.78 8.54 28.09
N GLN A 127 1.42 9.18 29.05
CA GLN A 127 0.96 10.48 29.56
C GLN A 127 1.03 11.52 28.45
N ALA A 128 2.05 11.41 27.60
CA ALA A 128 2.25 12.34 26.50
C ALA A 128 1.45 11.94 25.28
N ASN A 129 0.51 11.02 25.48
CA ASN A 129 -0.38 10.51 24.44
C ASN A 129 0.36 9.86 23.26
N LYS A 130 1.38 9.07 23.58
CA LYS A 130 2.12 8.32 22.58
C LYS A 130 2.46 6.94 23.12
N ALA A 131 2.74 6.01 22.22
CA ALA A 131 3.08 4.65 22.61
C ALA A 131 4.10 4.07 21.65
N THR A 132 5.15 3.47 22.20
CA THR A 132 6.24 2.94 21.39
C THR A 132 6.77 1.64 21.97
N LEU A 133 6.86 0.60 21.14
CA LEU A 133 7.46 -0.65 21.55
C LEU A 133 8.89 -0.72 21.03
N VAL A 134 9.81 -1.14 21.89
CA VAL A 134 11.23 -1.13 21.54
C VAL A 134 11.83 -2.52 21.62
N CYS A 135 12.20 -3.07 20.47
CA CYS A 135 12.79 -4.40 20.42
C CYS A 135 14.27 -4.31 20.06
N LEU A 136 15.12 -4.74 20.99
CA LEU A 136 16.56 -4.63 20.83
C LEU A 136 17.24 -5.97 20.58
N ILE A 137 18.05 -6.02 19.53
CA ILE A 137 18.68 -7.26 19.09
C ILE A 137 20.20 -7.11 19.03
N SER A 138 20.91 -7.84 19.89
CA SER A 138 22.37 -7.69 19.96
C SER A 138 23.13 -9.02 19.99
N ASP A 139 24.43 -8.92 19.78
CA ASP A 139 25.35 -10.06 19.85
C ASP A 139 24.97 -11.24 18.97
N PHE A 140 24.55 -10.95 17.73
CA PHE A 140 24.25 -12.03 16.79
C PHE A 140 25.24 -12.07 15.62
N TYR A 141 25.59 -13.28 15.20
CA TYR A 141 26.48 -13.48 14.08
C TYR A 141 26.05 -14.72 13.29
N PRO A 142 25.98 -14.62 11.95
CA PRO A 142 26.31 -13.44 11.15
C PRO A 142 25.28 -12.31 11.25
N GLY A 143 25.65 -11.13 10.76
CA GLY A 143 24.83 -9.95 10.91
C GLY A 143 23.65 -9.85 9.96
N ALA A 144 22.72 -10.77 10.09
CA ALA A 144 21.50 -10.74 9.28
C ALA A 144 20.32 -11.28 10.11
N VAL A 145 19.28 -10.48 10.24
CA VAL A 145 18.10 -10.88 11.00
C VAL A 145 16.81 -10.49 10.29
N THR A 146 15.75 -11.24 10.56
CA THR A 146 14.43 -10.92 10.06
C THR A 146 13.49 -10.62 11.22
N VAL A 147 13.08 -9.36 11.33
CA VAL A 147 12.20 -8.94 12.41
C VAL A 147 10.73 -8.98 11.99
N ALA A 148 9.91 -9.65 12.79
CA ALA A 148 8.48 -9.74 12.52
C ALA A 148 7.67 -9.39 13.77
N TRP A 149 6.88 -8.34 13.67
CA TRP A 149 6.02 -7.92 14.78
C TRP A 149 4.66 -8.58 14.65
N LYS A 150 4.02 -8.83 15.79
CA LYS A 150 2.69 -9.42 15.81
C LYS A 150 1.80 -8.75 16.85
N ALA A 151 0.52 -8.62 16.53
CA ALA A 151 -0.48 -8.26 17.51
C ALA A 151 -1.34 -9.49 17.75
N ASP A 152 -1.34 -9.98 18.99
CA ASP A 152 -2.01 -11.23 19.35
C ASP A 152 -1.45 -12.40 18.54
N SER A 153 -1.93 -12.55 17.30
CA SER A 153 -1.42 -13.61 16.43
C SER A 153 -1.25 -13.12 14.99
N SER A 154 -1.86 -11.98 14.69
CA SER A 154 -1.78 -11.41 13.35
C SER A 154 -0.53 -10.55 13.19
N PRO A 155 0.18 -10.71 12.06
CA PRO A 155 1.39 -9.93 11.79
C PRO A 155 1.10 -8.45 11.65
N VAL A 156 2.02 -7.60 12.10
CA VAL A 156 1.86 -6.16 12.01
C VAL A 156 3.02 -5.53 11.23
N LYS A 157 2.69 -4.71 10.25
CA LYS A 157 3.71 -4.03 9.47
C LYS A 157 3.63 -2.51 9.64
N ALA A 158 2.43 -2.03 9.93
CA ALA A 158 2.19 -0.59 10.09
C ALA A 158 2.86 -0.02 11.32
N GLY A 159 3.68 1.02 11.11
CA GLY A 159 4.36 1.69 12.21
C GLY A 159 5.66 1.03 12.63
N VAL A 160 6.18 0.15 11.77
CA VAL A 160 7.39 -0.60 12.08
C VAL A 160 8.62 -0.01 11.40
N GLU A 161 9.56 0.47 12.21
CA GLU A 161 10.83 0.98 11.72
C GLU A 161 11.99 0.15 12.25
N THR A 162 12.69 -0.54 11.34
CA THR A 162 13.76 -1.43 11.72
C THR A 162 15.09 -0.99 11.13
N THR A 163 16.13 -0.96 11.96
CA THR A 163 17.44 -0.50 11.54
C THR A 163 18.19 -1.55 10.73
N THR A 164 19.30 -1.12 10.15
CA THR A 164 20.20 -2.01 9.44
C THR A 164 21.23 -2.54 10.44
N PRO A 165 21.51 -3.86 10.39
CA PRO A 165 22.53 -4.48 11.24
C PRO A 165 23.86 -3.72 11.18
N SER A 166 24.54 -3.63 12.32
CA SER A 166 25.82 -2.94 12.39
C SER A 166 26.78 -3.64 13.35
N LYS A 167 28.06 -3.62 13.01
CA LYS A 167 29.08 -4.31 13.80
C LYS A 167 29.28 -3.68 15.16
N GLN A 168 29.39 -4.51 16.19
CA GLN A 168 29.66 -4.04 17.55
C GLN A 168 31.17 -4.00 17.79
N SER A 169 31.57 -3.68 19.01
CA SER A 169 32.98 -3.63 19.35
C SER A 169 33.55 -5.03 19.54
N ASN A 170 32.66 -6.02 19.58
CA ASN A 170 33.08 -7.42 19.68
C ASN A 170 32.94 -8.14 18.35
N ASN A 171 32.94 -7.37 17.28
CA ASN A 171 32.80 -7.89 15.90
C ASN A 171 31.49 -8.61 15.62
N LYS A 172 30.58 -8.62 16.59
CA LYS A 172 29.25 -9.17 16.37
C LYS A 172 28.30 -8.05 15.99
N TYR A 173 27.04 -8.40 15.70
CA TYR A 173 26.12 -7.41 15.13
C TYR A 173 24.94 -7.04 16.02
N ALA A 174 24.45 -5.82 15.82
CA ALA A 174 23.32 -5.31 16.58
C ALA A 174 22.29 -4.68 15.66
N ALA A 175 21.02 -4.78 16.05
CA ALA A 175 19.94 -4.15 15.32
C ALA A 175 18.79 -3.87 16.28
N SER A 176 17.89 -2.98 15.89
CA SER A 176 16.74 -2.66 16.72
C SER A 176 15.52 -2.30 15.87
N SER A 177 14.35 -2.73 16.35
CA SER A 177 13.10 -2.44 15.65
C SER A 177 12.18 -1.63 16.54
N TYR A 178 11.43 -0.71 15.94
CA TYR A 178 10.56 0.19 16.68
C TYR A 178 9.12 0.09 16.19
N LEU A 179 8.19 -0.13 17.11
CA LEU A 179 6.77 -0.16 16.76
C LEU A 179 6.06 1.02 17.38
N SER A 180 5.54 1.91 16.54
CA SER A 180 4.83 3.10 17.01
C SER A 180 3.34 2.85 17.04
N LEU A 181 2.72 3.11 18.18
CA LEU A 181 1.30 2.87 18.35
C LEU A 181 0.61 4.03 19.04
N THR A 182 -0.72 4.00 19.03
CA THR A 182 -1.53 4.89 19.85
C THR A 182 -1.73 4.17 21.18
N PRO A 183 -2.08 4.89 22.26
CA PRO A 183 -2.26 4.18 23.53
C PRO A 183 -3.51 3.30 23.48
N GLU A 184 -4.52 3.72 22.71
CA GLU A 184 -5.72 2.93 22.53
C GLU A 184 -5.37 1.60 21.87
N GLN A 185 -4.48 1.64 20.88
CA GLN A 185 -4.01 0.43 20.21
C GLN A 185 -3.25 -0.47 21.18
N TRP A 186 -2.44 0.13 22.03
CA TRP A 186 -1.68 -0.61 23.02
C TRP A 186 -2.60 -1.23 24.07
N LYS A 187 -3.69 -0.53 24.38
CA LYS A 187 -4.64 -1.00 25.39
C LYS A 187 -5.70 -1.93 24.79
N SER A 188 -5.92 -1.82 23.49
CA SER A 188 -6.91 -2.67 22.81
C SER A 188 -6.44 -4.12 22.76
N HIS A 189 -5.35 -4.36 22.04
CA HIS A 189 -4.81 -5.70 21.87
C HIS A 189 -4.34 -6.30 23.19
N ARG A 190 -4.37 -7.62 23.27
CA ARG A 190 -4.05 -8.31 24.51
C ARG A 190 -2.57 -8.65 24.60
N SER A 191 -1.87 -8.58 23.47
CA SER A 191 -0.48 -8.98 23.42
C SER A 191 0.26 -8.44 22.19
N TYR A 192 1.56 -8.22 22.32
CA TYR A 192 2.40 -7.81 21.20
C TYR A 192 3.72 -8.59 21.23
N SER A 193 4.16 -9.04 20.07
CA SER A 193 5.34 -9.91 19.99
C SER A 193 6.40 -9.39 19.03
N CYS A 194 7.65 -9.63 19.37
CA CYS A 194 8.77 -9.30 18.50
C CYS A 194 9.49 -10.58 18.09
N GLN A 195 9.21 -11.05 16.88
CA GLN A 195 9.84 -12.26 16.36
C GLN A 195 11.11 -11.93 15.60
N VAL A 196 12.22 -12.55 16.02
CA VAL A 196 13.51 -12.34 15.38
C VAL A 196 14.07 -13.65 14.84
N THR A 197 14.09 -13.79 13.52
CA THR A 197 14.61 -15.00 12.90
C THR A 197 16.06 -14.82 12.47
N HIS A 198 16.91 -15.73 12.93
CA HIS A 198 18.33 -15.68 12.62
C HIS A 198 18.78 -17.04 12.12
N GLU A 199 18.87 -17.17 10.80
CA GLU A 199 19.20 -18.44 10.14
C GLU A 199 18.27 -19.57 10.55
N GLY A 200 16.98 -19.42 10.24
CA GLY A 200 15.99 -20.46 10.50
C GLY A 200 15.64 -20.67 11.96
N SER A 201 16.23 -19.86 12.83
CA SER A 201 15.94 -19.94 14.25
C SER A 201 15.25 -18.66 14.72
N THR A 202 14.03 -18.79 15.22
CA THR A 202 13.25 -17.63 15.65
C THR A 202 13.21 -17.47 17.17
N VAL A 203 13.76 -16.35 17.65
CA VAL A 203 13.66 -15.97 19.06
C VAL A 203 12.52 -14.96 19.22
N GLU A 204 11.62 -15.24 20.14
CA GLU A 204 10.43 -14.41 20.31
C GLU A 204 10.34 -13.80 21.71
N LYS A 205 10.09 -12.49 21.76
CA LYS A 205 9.82 -11.82 23.03
C LYS A 205 8.46 -11.14 22.99
N THR A 206 7.78 -11.10 24.13
CA THR A 206 6.40 -10.66 24.18
C THR A 206 6.14 -9.75 25.37
N VAL A 207 5.41 -8.66 25.13
CA VAL A 207 4.93 -7.81 26.21
C VAL A 207 3.42 -7.69 26.15
N ALA A 208 2.81 -7.32 27.28
CA ALA A 208 1.36 -7.16 27.36
C ALA A 208 1.03 -5.97 28.26
N PRO A 209 -0.06 -5.25 27.94
CA PRO A 209 -0.47 -4.09 28.74
C PRO A 209 -0.99 -4.46 30.12
N THR A 210 -1.09 -5.75 30.41
CA THR A 210 -1.61 -6.21 31.69
C THR A 210 -0.49 -6.49 32.70
N GLU A 211 0.74 -6.10 32.35
CA GLU A 211 1.89 -6.40 33.20
C GLU A 211 2.19 -5.30 34.21
N CYS A 212 1.49 -4.17 34.11
CA CYS A 212 1.64 -3.08 35.05
C CYS A 212 0.29 -2.46 35.38
N GLN B 1 36.70 4.50 -21.25
CA GLN B 1 35.66 3.50 -21.12
C GLN B 1 34.31 4.18 -21.21
N VAL B 2 33.29 3.62 -20.60
CA VAL B 2 32.06 4.36 -20.51
C VAL B 2 31.87 4.93 -19.11
N GLN B 3 31.62 6.22 -19.03
CA GLN B 3 31.41 6.87 -17.73
C GLN B 3 29.96 7.32 -17.56
N LEU B 4 29.43 7.13 -16.36
CA LEU B 4 28.09 7.59 -16.02
C LEU B 4 28.14 8.51 -14.80
N GLN B 5 28.06 9.81 -15.04
CA GLN B 5 28.09 10.80 -13.96
C GLN B 5 26.68 11.20 -13.51
N GLN B 6 26.34 10.86 -12.27
CA GLN B 6 25.04 11.24 -11.72
C GLN B 6 25.07 12.64 -11.13
N SER B 7 23.93 13.31 -11.14
CA SER B 7 23.84 14.69 -10.70
C SER B 7 22.45 15.01 -10.17
N GLY B 8 22.35 15.96 -9.26
CA GLY B 8 21.07 16.35 -8.69
C GLY B 8 21.08 16.47 -7.18
N PRO B 9 20.05 17.13 -6.62
CA PRO B 9 19.95 17.42 -5.18
C PRO B 9 19.83 16.15 -4.34
N GLY B 10 20.46 16.16 -3.16
CA GLY B 10 20.42 15.01 -2.27
C GLY B 10 19.24 15.06 -1.31
N LEU B 11 18.59 16.21 -1.22
CA LEU B 11 17.50 16.41 -0.29
C LEU B 11 16.24 16.97 -0.97
N VAL B 12 15.13 16.27 -0.83
CA VAL B 12 13.87 16.68 -1.44
C VAL B 12 12.74 16.71 -0.40
N LYS B 13 12.01 17.81 -0.35
CA LYS B 13 10.85 17.92 0.52
C LYS B 13 9.76 16.96 0.07
N PRO B 14 9.05 16.33 1.01
CA PRO B 14 7.98 15.39 0.70
C PRO B 14 6.93 15.99 -0.22
N SER B 15 6.37 15.15 -1.09
CA SER B 15 5.36 15.55 -2.08
C SER B 15 5.88 16.49 -3.17
N GLN B 16 7.20 16.67 -3.24
CA GLN B 16 7.80 17.44 -4.32
C GLN B 16 8.26 16.52 -5.45
N THR B 17 9.12 17.05 -6.32
CA THR B 17 9.57 16.29 -7.48
C THR B 17 11.07 15.97 -7.45
N LEU B 18 11.37 14.67 -7.37
CA LEU B 18 12.75 14.18 -7.35
C LEU B 18 13.31 14.20 -8.76
N SER B 19 14.48 14.81 -8.94
CA SER B 19 15.09 14.92 -10.26
C SER B 19 16.59 14.63 -10.26
N LEU B 20 17.00 13.66 -11.06
CA LEU B 20 18.42 13.33 -11.20
C LEU B 20 18.82 13.27 -12.67
N THR B 21 20.13 13.39 -12.93
CA THR B 21 20.65 13.40 -14.29
C THR B 21 21.90 12.53 -14.41
N CYS B 22 21.91 11.68 -15.43
CA CYS B 22 23.03 10.77 -15.67
C CYS B 22 23.77 11.16 -16.95
N ALA B 23 24.83 11.95 -16.81
CA ALA B 23 25.61 12.38 -17.97
C ALA B 23 26.51 11.25 -18.47
N ILE B 24 26.38 10.93 -19.76
CA ILE B 24 27.10 9.79 -20.34
C ILE B 24 28.37 10.23 -21.05
N SER B 25 29.43 9.43 -20.88
CA SER B 25 30.69 9.68 -21.54
C SER B 25 31.27 8.37 -22.08
N GLY B 26 31.63 8.37 -23.37
CA GLY B 26 32.18 7.19 -23.99
C GLY B 26 31.14 6.36 -24.71
N ASP B 27 29.97 6.95 -24.92
CA ASP B 27 28.86 6.28 -25.60
C ASP B 27 27.79 7.31 -25.92
N SER B 28 26.76 6.88 -26.66
CA SER B 28 25.61 7.74 -26.97
C SER B 28 24.36 7.23 -26.26
N VAL B 29 23.50 8.16 -25.83
CA VAL B 29 22.23 7.79 -25.22
C VAL B 29 21.32 7.18 -26.28
N SER B 30 21.49 7.62 -27.52
CA SER B 30 20.69 7.13 -28.64
C SER B 30 21.37 5.95 -29.34
N SER B 31 22.17 5.20 -28.60
CA SER B 31 22.83 4.01 -29.15
C SER B 31 21.81 2.92 -29.45
N ASN B 32 22.04 2.21 -30.56
CA ASN B 32 21.18 1.09 -30.93
C ASN B 32 21.68 -0.20 -30.33
N SER B 33 22.74 -0.09 -29.54
CA SER B 33 23.39 -1.27 -28.98
C SER B 33 23.28 -1.29 -27.45
N ALA B 34 22.52 -0.35 -26.90
CA ALA B 34 22.42 -0.26 -25.45
C ALA B 34 21.12 0.38 -24.98
N ALA B 35 20.72 0.06 -23.75
CA ALA B 35 19.53 0.64 -23.14
C ALA B 35 19.92 1.32 -21.82
N TRP B 36 19.17 2.35 -21.45
CA TRP B 36 19.50 3.14 -20.27
C TRP B 36 18.32 3.22 -19.30
N GLY B 37 18.58 3.04 -18.02
CA GLY B 37 17.53 3.08 -17.02
C GLY B 37 18.01 3.41 -15.61
N TRP B 38 17.07 3.51 -14.69
CA TRP B 38 17.39 3.82 -13.30
C TRP B 38 16.98 2.69 -12.36
N ILE B 39 17.81 2.48 -11.33
CA ILE B 39 17.56 1.48 -10.31
C ILE B 39 17.80 2.12 -8.96
N ARG B 40 16.90 1.91 -8.01
CA ARG B 40 17.07 2.48 -6.68
C ARG B 40 17.19 1.44 -5.58
N GLN B 41 17.72 1.87 -4.43
CA GLN B 41 17.98 0.97 -3.33
C GLN B 41 17.81 1.69 -2.01
N SER B 42 16.70 1.43 -1.33
CA SER B 42 16.46 2.00 0.00
C SER B 42 17.58 1.54 0.94
N PRO B 43 18.03 2.43 1.83
CA PRO B 43 19.14 2.11 2.74
C PRO B 43 18.89 0.83 3.53
N GLY B 44 19.84 -0.11 3.47
CA GLY B 44 19.71 -1.38 4.14
C GLY B 44 18.68 -2.30 3.50
N ARG B 45 18.29 -2.00 2.27
CA ARG B 45 17.29 -2.78 1.56
C ARG B 45 17.84 -3.33 0.26
N GLY B 46 16.94 -3.87 -0.57
CA GLY B 46 17.34 -4.52 -1.80
C GLY B 46 17.10 -3.70 -3.05
N LEU B 47 17.75 -4.09 -4.13
CA LEU B 47 17.64 -3.42 -5.43
C LEU B 47 16.20 -3.45 -5.96
N GLU B 48 15.81 -2.38 -6.62
CA GLU B 48 14.51 -2.34 -7.31
C GLU B 48 14.60 -1.56 -8.61
N TRP B 49 14.14 -2.17 -9.69
CA TRP B 49 14.13 -1.54 -11.00
C TRP B 49 13.03 -0.49 -11.10
N LEU B 50 13.38 0.69 -11.62
CA LEU B 50 12.42 1.79 -11.72
C LEU B 50 11.89 1.98 -13.15
N GLY B 51 12.79 2.07 -14.11
CA GLY B 51 12.40 2.28 -15.50
C GLY B 51 13.55 2.10 -16.47
N ILE B 52 13.24 2.18 -17.75
CA ILE B 52 14.25 2.05 -18.79
C ILE B 52 13.83 2.77 -20.07
N ILE B 53 14.81 3.21 -20.85
CA ILE B 53 14.57 3.77 -22.18
C ILE B 53 15.59 3.22 -23.18
N GLN B 54 15.19 3.12 -24.43
CA GLN B 54 16.09 2.67 -25.50
C GLN B 54 15.56 3.12 -26.86
N LYS B 55 16.48 3.38 -27.78
CA LYS B 55 16.09 3.81 -29.12
C LYS B 55 16.26 2.70 -30.14
N ARG B 56 15.14 2.12 -30.57
CA ARG B 56 15.17 1.15 -31.65
C ARG B 56 14.76 1.83 -32.95
N SER B 57 13.60 1.48 -33.48
CA SER B 57 13.03 2.20 -34.62
C SER B 57 12.67 3.59 -34.15
N LYS B 58 12.15 3.67 -32.93
CA LYS B 58 11.87 4.93 -32.26
C LYS B 58 12.17 4.79 -30.78
N TRP B 59 11.95 5.85 -30.01
CA TRP B 59 12.22 5.80 -28.57
C TRP B 59 11.13 5.04 -27.82
N TYR B 60 11.54 4.01 -27.08
CA TYR B 60 10.61 3.24 -26.26
C TYR B 60 10.96 3.39 -24.79
N ASN B 61 9.99 3.15 -23.92
CA ASN B 61 10.24 3.13 -22.49
C ASN B 61 9.38 2.12 -21.74
N ASN B 62 9.90 1.63 -20.62
CA ASN B 62 9.15 0.73 -19.77
C ASN B 62 9.38 1.07 -18.30
N TYR B 63 8.30 1.25 -17.56
CA TYR B 63 8.39 1.66 -16.16
C TYR B 63 7.84 0.59 -15.23
N ALA B 64 8.42 0.51 -14.03
CA ALA B 64 7.89 -0.36 -13.00
C ALA B 64 6.49 0.13 -12.62
N VAL B 65 5.64 -0.80 -12.18
CA VAL B 65 4.23 -0.53 -11.94
C VAL B 65 3.97 0.58 -10.92
N SER B 66 4.66 0.52 -9.78
CA SER B 66 4.39 1.44 -8.67
C SER B 66 4.88 2.87 -8.84
N VAL B 67 5.85 3.09 -9.71
CA VAL B 67 6.26 4.46 -10.03
C VAL B 67 5.68 5.00 -11.33
N LYS B 68 5.17 4.09 -12.16
CA LYS B 68 4.72 4.43 -13.52
C LYS B 68 3.82 5.66 -13.56
N SER B 69 3.03 5.84 -12.51
CA SER B 69 2.11 6.97 -12.43
C SER B 69 2.85 8.26 -12.09
N ARG B 70 4.09 8.13 -11.60
CA ARG B 70 4.84 9.30 -11.14
C ARG B 70 6.19 9.46 -11.85
N ILE B 71 6.68 8.38 -12.45
CA ILE B 71 8.03 8.37 -13.01
C ILE B 71 8.09 8.86 -14.46
N THR B 72 9.18 9.54 -14.79
CA THR B 72 9.44 9.98 -16.15
C THR B 72 10.93 9.92 -16.45
N ILE B 73 11.31 9.17 -17.47
CA ILE B 73 12.71 9.08 -17.88
C ILE B 73 12.89 9.66 -19.27
N ASN B 74 13.53 10.83 -19.35
CA ASN B 74 13.72 11.52 -20.62
C ASN B 74 15.16 11.56 -21.07
N PRO B 75 15.43 11.04 -22.29
CA PRO B 75 16.77 11.11 -22.87
C PRO B 75 17.06 12.50 -23.43
N ASP B 76 18.16 13.10 -22.99
CA ASP B 76 18.60 14.37 -23.55
C ASP B 76 19.62 14.09 -24.63
N THR B 77 19.16 14.05 -25.89
CA THR B 77 20.05 13.74 -27.00
C THR B 77 21.02 14.87 -27.36
N SER B 78 20.97 15.97 -26.61
CA SER B 78 21.88 17.11 -26.77
C SER B 78 23.10 17.02 -25.92
N LYS B 79 22.89 16.93 -24.62
CA LYS B 79 23.97 16.92 -23.66
C LYS B 79 24.37 15.48 -23.42
N ASN B 80 23.78 14.57 -24.19
CA ASN B 80 24.06 13.14 -24.10
C ASN B 80 23.79 12.64 -22.69
N GLN B 81 22.60 12.95 -22.20
CA GLN B 81 22.19 12.58 -20.85
C GLN B 81 20.81 11.93 -20.87
N PHE B 82 20.43 11.34 -19.74
CA PHE B 82 19.06 10.89 -19.53
C PHE B 82 18.68 11.11 -18.07
N SER B 83 17.46 11.55 -17.83
CA SER B 83 17.05 12.01 -16.52
C SER B 83 16.10 11.06 -15.80
N LEU B 84 15.93 11.30 -14.51
CA LEU B 84 14.93 10.60 -13.72
C LEU B 84 14.07 11.64 -13.01
N GLN B 85 12.75 11.47 -13.08
CA GLN B 85 11.85 12.42 -12.42
C GLN B 85 10.70 11.73 -11.71
N LEU B 86 10.64 11.92 -10.39
CA LEU B 86 9.58 11.36 -9.55
C LEU B 86 8.68 12.45 -8.97
N ASN B 87 7.43 12.47 -9.41
CA ASN B 87 6.46 13.42 -8.88
C ASN B 87 5.87 12.95 -7.56
N SER B 88 5.44 13.91 -6.75
CA SER B 88 4.73 13.62 -5.50
C SER B 88 5.49 12.65 -4.60
N VAL B 89 6.75 12.97 -4.30
CA VAL B 89 7.61 12.08 -3.54
C VAL B 89 7.12 11.82 -2.12
N THR B 90 7.61 10.73 -1.54
CA THR B 90 7.23 10.33 -0.19
C THR B 90 8.47 9.73 0.47
N PRO B 91 8.48 9.65 1.81
CA PRO B 91 9.66 9.13 2.51
C PRO B 91 10.13 7.74 2.07
N GLU B 92 9.24 6.94 1.47
CA GLU B 92 9.65 5.62 1.00
C GLU B 92 10.37 5.70 -0.34
N ASP B 93 10.44 6.92 -0.89
CA ASP B 93 11.21 7.17 -2.10
C ASP B 93 12.64 7.54 -1.77
N THR B 94 12.93 7.66 -0.47
CA THR B 94 14.28 7.89 0.01
C THR B 94 15.12 6.65 -0.24
N ALA B 95 16.17 6.80 -1.05
CA ALA B 95 17.02 5.67 -1.42
C ALA B 95 18.29 6.15 -2.09
N VAL B 96 19.15 5.20 -2.46
CA VAL B 96 20.27 5.47 -3.33
C VAL B 96 19.81 5.19 -4.76
N TYR B 97 20.03 6.14 -5.67
CA TYR B 97 19.60 5.98 -7.05
C TYR B 97 20.75 5.75 -8.02
N TYR B 98 20.72 4.61 -8.70
CA TYR B 98 21.75 4.28 -9.67
C TYR B 98 21.21 4.37 -11.10
N CYS B 99 21.93 5.05 -11.98
CA CYS B 99 21.65 4.97 -13.41
C CYS B 99 22.56 3.90 -13.99
N ALA B 100 22.10 3.23 -15.04
CA ALA B 100 22.81 2.06 -15.56
C ALA B 100 22.68 1.89 -17.07
N ARG B 101 23.62 1.17 -17.67
CA ARG B 101 23.55 0.85 -19.09
C ARG B 101 23.28 -0.64 -19.29
N TYR B 102 22.22 -0.94 -20.03
CA TYR B 102 21.89 -2.33 -20.35
C TYR B 102 22.53 -2.74 -21.67
N SER B 103 23.37 -3.76 -21.61
CA SER B 103 24.09 -4.23 -22.80
C SER B 103 23.30 -5.27 -23.57
N TYR B 104 23.19 -5.09 -24.88
CA TYR B 104 22.51 -6.04 -25.74
C TYR B 104 23.40 -7.28 -25.93
N PRO B 105 22.78 -8.46 -26.15
CA PRO B 105 21.34 -8.69 -26.26
C PRO B 105 20.70 -9.20 -24.96
N PHE B 106 21.51 -9.52 -23.97
CA PHE B 106 20.98 -10.13 -22.73
C PHE B 106 20.48 -9.09 -21.74
N TYR B 107 20.68 -7.81 -22.06
CA TYR B 107 20.26 -6.70 -21.21
C TYR B 107 20.93 -6.76 -19.83
N SER B 108 22.17 -7.21 -19.80
CA SER B 108 22.96 -7.21 -18.58
C SER B 108 23.55 -5.82 -18.36
N ILE B 109 23.84 -5.48 -17.10
CA ILE B 109 24.30 -4.14 -16.77
C ILE B 109 25.82 -4.08 -16.54
N ASP B 110 26.53 -3.52 -17.52
CA ASP B 110 27.99 -3.49 -17.47
C ASP B 110 28.52 -2.21 -16.83
N TYR B 111 27.70 -1.16 -16.83
CA TYR B 111 28.13 0.14 -16.32
C TYR B 111 27.07 0.78 -15.43
N TRP B 112 27.53 1.33 -14.30
CA TRP B 112 26.65 2.00 -13.36
C TRP B 112 27.16 3.42 -13.10
N GLY B 113 26.26 4.28 -12.60
CA GLY B 113 26.67 5.58 -12.09
C GLY B 113 27.18 5.39 -10.68
N GLN B 114 27.73 6.45 -10.09
CA GLN B 114 28.28 6.36 -8.75
C GLN B 114 27.17 6.26 -7.69
N GLY B 115 25.94 6.57 -8.10
CA GLY B 115 24.80 6.47 -7.22
C GLY B 115 24.68 7.67 -6.30
N THR B 116 23.50 8.29 -6.29
CA THR B 116 23.27 9.44 -5.42
C THR B 116 22.21 9.15 -4.37
N LEU B 117 22.58 9.32 -3.10
CA LEU B 117 21.64 9.17 -2.01
C LEU B 117 20.69 10.35 -1.99
N VAL B 118 19.40 10.07 -2.12
CA VAL B 118 18.37 11.11 -2.07
C VAL B 118 17.46 10.89 -0.88
N THR B 119 17.33 11.90 -0.03
CA THR B 119 16.46 11.82 1.14
C THR B 119 15.19 12.64 0.95
N VAL B 120 14.05 12.01 1.21
CA VAL B 120 12.77 12.71 1.19
C VAL B 120 12.36 13.05 2.61
N SER B 121 12.69 14.26 3.05
CA SER B 121 12.49 14.67 4.43
C SER B 121 12.28 16.17 4.57
N SER B 122 11.33 16.55 5.43
CA SER B 122 11.12 17.95 5.77
C SER B 122 11.47 18.20 7.23
N ALA B 123 12.21 17.26 7.81
CA ALA B 123 12.54 17.28 9.23
C ALA B 123 13.30 18.55 9.64
N SER B 124 12.87 19.13 10.75
CA SER B 124 13.55 20.30 11.31
C SER B 124 14.33 19.89 12.55
N THR B 125 15.27 20.74 12.96
CA THR B 125 16.06 20.48 14.16
C THR B 125 15.16 20.42 15.39
N LYS B 126 15.18 19.29 16.08
CA LYS B 126 14.24 19.03 17.16
C LYS B 126 14.92 18.28 18.30
N GLY B 127 14.50 18.59 19.53
CA GLY B 127 15.00 17.89 20.70
C GLY B 127 14.16 16.67 21.00
N PRO B 128 14.81 15.59 21.47
CA PRO B 128 14.13 14.32 21.73
C PRO B 128 13.40 14.28 23.07
N SER B 129 12.39 13.42 23.14
CA SER B 129 11.74 13.13 24.40
C SER B 129 12.39 11.87 24.97
N VAL B 130 12.88 11.94 26.21
CA VAL B 130 13.55 10.81 26.82
C VAL B 130 12.63 10.02 27.74
N PHE B 131 12.33 8.79 27.34
CA PHE B 131 11.48 7.91 28.13
C PHE B 131 12.30 6.74 28.68
N PRO B 132 11.94 6.25 29.87
CA PRO B 132 12.66 5.13 30.48
C PRO B 132 12.27 3.79 29.85
N LEU B 133 13.23 2.88 29.78
CA LEU B 133 12.99 1.52 29.31
C LEU B 133 13.14 0.53 30.46
N ALA B 134 12.02 0.03 30.97
CA ALA B 134 12.07 -0.90 32.10
C ALA B 134 11.00 -1.99 31.97
N PRO B 135 11.42 -3.25 32.20
CA PRO B 135 10.50 -4.39 32.16
C PRO B 135 9.49 -4.33 33.31
N CYS B 136 8.23 -4.62 33.02
CA CYS B 136 7.19 -4.60 34.03
C CYS B 136 7.26 -5.81 34.95
N SER B 137 6.39 -6.78 34.71
CA SER B 137 6.39 -8.02 35.50
C SER B 137 7.66 -8.82 35.25
N ARG B 138 8.73 -8.43 35.91
CA ARG B 138 10.04 -9.06 35.71
C ARG B 138 10.10 -10.44 36.35
N SER B 139 10.24 -10.47 37.68
CA SER B 139 10.40 -11.72 38.43
C SER B 139 11.53 -12.56 37.85
N THR B 140 12.76 -12.08 38.02
CA THR B 140 13.92 -12.71 37.42
C THR B 140 14.27 -14.04 38.07
N SER B 141 15.15 -14.78 37.41
CA SER B 141 15.68 -16.03 37.95
C SER B 141 17.18 -16.06 37.67
N GLU B 142 17.65 -15.05 36.94
CA GLU B 142 19.05 -14.93 36.59
C GLU B 142 19.67 -13.67 37.20
N SER B 143 21.00 -13.66 37.26
CA SER B 143 21.73 -12.58 37.92
C SER B 143 21.93 -11.35 37.03
N THR B 144 21.04 -11.18 36.06
CA THR B 144 21.16 -10.08 35.11
C THR B 144 19.80 -9.55 34.65
N ALA B 145 19.65 -8.23 34.71
CA ALA B 145 18.44 -7.57 34.25
C ALA B 145 18.80 -6.43 33.29
N ALA B 146 17.85 -6.04 32.45
CA ALA B 146 18.09 -5.00 31.47
C ALA B 146 17.20 -3.78 31.70
N LEU B 147 17.82 -2.60 31.60
CA LEU B 147 17.10 -1.34 31.70
C LEU B 147 17.75 -0.34 30.74
N GLY B 148 17.01 0.69 30.35
CA GLY B 148 17.56 1.66 29.42
C GLY B 148 16.75 2.93 29.23
N CYS B 149 17.12 3.68 28.19
CA CYS B 149 16.42 4.92 27.85
C CYS B 149 16.06 5.00 26.38
N LEU B 150 14.84 5.46 26.11
CA LEU B 150 14.41 5.71 24.74
C LEU B 150 14.57 7.19 24.41
N VAL B 151 15.44 7.48 23.45
CA VAL B 151 15.64 8.84 22.96
C VAL B 151 14.88 8.99 21.65
N LYS B 152 13.63 9.46 21.73
CA LYS B 152 12.74 9.43 20.59
C LYS B 152 12.58 10.78 19.88
N ASP B 153 12.59 10.72 18.55
CA ASP B 153 12.27 11.86 17.69
C ASP B 153 13.18 13.09 17.85
N TYR B 154 14.42 12.95 17.39
CA TYR B 154 15.36 14.07 17.40
C TYR B 154 16.00 14.28 16.03
N PHE B 155 16.56 15.48 15.84
CA PHE B 155 17.26 15.80 14.60
C PHE B 155 18.23 16.95 14.84
N PRO B 156 19.46 16.83 14.31
CA PRO B 156 19.96 15.65 13.61
C PRO B 156 20.85 14.80 14.52
N GLU B 157 21.70 13.99 13.91
CA GLU B 157 22.71 13.24 14.63
C GLU B 157 23.80 14.20 15.09
N PRO B 158 24.52 13.87 16.16
CA PRO B 158 24.34 12.68 17.00
C PRO B 158 23.67 13.02 18.32
N VAL B 159 23.57 12.01 19.18
CA VAL B 159 23.15 12.23 20.56
C VAL B 159 24.05 11.40 21.47
N THR B 160 24.52 12.01 22.55
CA THR B 160 25.43 11.31 23.46
C THR B 160 24.71 10.81 24.70
N VAL B 161 24.81 9.51 24.94
CA VAL B 161 24.17 8.90 26.09
C VAL B 161 25.22 8.33 27.05
N SER B 162 25.12 8.70 28.32
CA SER B 162 26.00 8.15 29.35
C SER B 162 25.17 7.69 30.53
N TRP B 163 25.75 6.84 31.37
CA TRP B 163 25.02 6.29 32.51
C TRP B 163 25.73 6.60 33.83
N ASN B 164 24.96 7.14 34.77
CA ASN B 164 25.50 7.59 36.06
C ASN B 164 26.67 8.54 35.88
N SER B 165 26.49 9.53 35.02
CA SER B 165 27.49 10.57 34.78
C SER B 165 28.85 10.03 34.37
N GLY B 166 28.86 8.87 33.72
CA GLY B 166 30.10 8.29 33.23
C GLY B 166 30.69 7.24 34.16
N ALA B 167 30.13 7.13 35.36
CA ALA B 167 30.61 6.16 36.35
C ALA B 167 30.26 4.74 35.95
N LEU B 168 29.27 4.58 35.08
CA LEU B 168 28.84 3.26 34.62
C LEU B 168 29.10 3.08 33.14
N THR B 169 30.16 2.34 32.81
CA THR B 169 30.56 2.13 31.43
C THR B 169 30.46 0.66 31.04
N SER B 170 30.68 -0.22 32.01
CA SER B 170 30.60 -1.66 31.77
C SER B 170 29.16 -2.10 31.56
N GLY B 171 28.95 -2.94 30.55
CA GLY B 171 27.63 -3.47 30.26
C GLY B 171 26.71 -2.46 29.58
N VAL B 172 27.26 -1.33 29.18
CA VAL B 172 26.49 -0.29 28.51
C VAL B 172 26.46 -0.55 27.00
N HIS B 173 25.27 -0.52 26.42
CA HIS B 173 25.12 -0.71 24.98
C HIS B 173 24.15 0.30 24.39
N THR B 174 24.71 1.29 23.69
CA THR B 174 23.89 2.24 22.97
C THR B 174 23.76 1.78 21.53
N PHE B 175 22.52 1.70 21.05
CA PHE B 175 22.24 1.21 19.71
C PHE B 175 22.25 2.34 18.69
N PRO B 176 22.71 2.06 17.47
CA PRO B 176 22.65 3.00 16.35
C PRO B 176 21.21 3.43 16.09
N ALA B 177 21.00 4.72 15.87
CA ALA B 177 19.65 5.27 15.73
C ALA B 177 18.91 4.72 14.52
N VAL B 178 17.60 4.91 14.52
CA VAL B 178 16.77 4.54 13.38
C VAL B 178 16.32 5.82 12.68
N LEU B 179 16.16 5.76 11.37
CA LEU B 179 15.67 6.90 10.61
C LEU B 179 14.23 6.64 10.21
N GLN B 180 13.29 7.19 10.98
CA GLN B 180 11.87 6.97 10.73
C GLN B 180 11.39 7.73 9.50
N SER B 181 10.18 7.41 9.05
CA SER B 181 9.59 8.03 7.87
C SER B 181 9.44 9.54 8.04
N SER B 182 9.20 9.96 9.28
CA SER B 182 9.07 11.37 9.61
C SER B 182 10.32 12.18 9.26
N GLY B 183 11.46 11.50 9.25
CA GLY B 183 12.74 12.16 9.02
C GLY B 183 13.47 12.39 10.33
N LEU B 184 12.85 11.96 11.43
CA LEU B 184 13.43 12.10 12.76
C LEU B 184 14.11 10.80 13.20
N TYR B 185 15.09 10.92 14.07
CA TYR B 185 15.81 9.75 14.57
C TYR B 185 15.28 9.31 15.93
N SER B 186 15.40 8.02 16.20
CA SER B 186 15.15 7.49 17.54
C SER B 186 16.25 6.50 17.90
N LEU B 187 16.66 6.52 19.16
CA LEU B 187 17.80 5.73 19.61
C LEU B 187 17.51 5.11 20.96
N SER B 188 18.15 3.97 21.24
CA SER B 188 18.03 3.34 22.54
C SER B 188 19.40 3.04 23.11
N SER B 189 19.50 3.11 24.44
CA SER B 189 20.73 2.75 25.14
C SER B 189 20.33 1.92 26.34
N VAL B 190 20.96 0.77 26.51
CA VAL B 190 20.61 -0.12 27.61
C VAL B 190 21.81 -0.60 28.40
N VAL B 191 21.55 -1.05 29.63
CA VAL B 191 22.61 -1.52 30.49
C VAL B 191 22.28 -2.89 31.06
N THR B 192 23.28 -3.78 31.01
CA THR B 192 23.18 -5.07 31.68
C THR B 192 23.66 -4.91 33.11
N VAL B 193 22.73 -5.06 34.05
CA VAL B 193 23.04 -4.85 35.45
C VAL B 193 22.75 -6.10 36.28
N PRO B 194 23.49 -6.29 37.38
CA PRO B 194 23.16 -7.38 38.31
C PRO B 194 21.75 -7.19 38.85
N SER B 195 21.01 -8.29 38.98
CA SER B 195 19.63 -8.21 39.44
C SER B 195 19.54 -8.26 40.96
N SER B 196 20.66 -8.54 41.61
CA SER B 196 20.70 -8.65 43.06
C SER B 196 20.83 -7.28 43.73
N SER B 197 21.05 -6.24 42.92
CA SER B 197 21.22 -4.91 43.46
C SER B 197 20.21 -3.91 42.90
N LEU B 198 19.14 -4.42 42.32
CA LEU B 198 18.12 -3.55 41.70
C LEU B 198 17.34 -2.74 42.74
N GLY B 199 17.34 -3.20 43.98
CA GLY B 199 16.58 -2.56 45.03
C GLY B 199 17.27 -1.36 45.65
N THR B 200 18.61 -1.40 45.68
CA THR B 200 19.38 -0.32 46.29
C THR B 200 20.10 0.53 45.25
N LYS B 201 20.75 -0.12 44.29
CA LYS B 201 21.52 0.58 43.27
C LYS B 201 20.60 1.35 42.33
N THR B 202 21.05 2.52 41.88
CA THR B 202 20.24 3.35 41.00
C THR B 202 20.90 3.49 39.63
N TYR B 203 20.08 3.76 38.61
CA TYR B 203 20.60 3.88 37.25
C TYR B 203 19.93 5.03 36.49
N THR B 204 20.75 5.98 36.04
CA THR B 204 20.26 7.17 35.39
C THR B 204 21.01 7.44 34.10
N CYS B 205 20.27 7.64 33.01
CA CYS B 205 20.89 7.95 31.73
C CYS B 205 21.03 9.46 31.57
N ASN B 206 22.14 9.88 30.96
CA ASN B 206 22.40 11.29 30.73
C ASN B 206 22.43 11.61 29.24
N VAL B 207 21.24 11.87 28.69
CA VAL B 207 21.09 12.13 27.27
C VAL B 207 21.43 13.56 26.91
N ASP B 208 22.26 13.73 25.88
CA ASP B 208 22.65 15.06 25.45
C ASP B 208 22.46 15.26 23.94
N HIS B 209 21.53 16.13 23.57
CA HIS B 209 21.38 16.52 22.17
C HIS B 209 21.80 17.97 21.98
N LYS B 210 23.04 18.15 21.55
CA LYS B 210 23.64 19.47 21.41
C LYS B 210 22.92 20.46 20.46
N PRO B 211 22.48 20.01 19.26
CA PRO B 211 21.83 20.95 18.34
C PRO B 211 20.55 21.62 18.87
N SER B 212 19.90 21.02 19.86
CA SER B 212 18.67 21.58 20.40
C SER B 212 18.84 21.98 21.87
N ASN B 213 20.07 21.85 22.35
CA ASN B 213 20.41 22.14 23.75
C ASN B 213 19.61 21.27 24.72
N THR B 214 19.57 19.97 24.43
CA THR B 214 18.90 19.02 25.31
C THR B 214 19.91 18.42 26.29
N LYS B 215 19.71 18.71 27.58
CA LYS B 215 20.51 18.11 28.64
C LYS B 215 19.59 17.47 29.66
N VAL B 216 19.16 16.24 29.36
CA VAL B 216 18.18 15.56 30.20
C VAL B 216 18.76 14.33 30.89
N ASP B 217 18.63 14.30 32.21
CA ASP B 217 18.93 13.09 32.97
C ASP B 217 17.61 12.39 33.25
N LYS B 218 17.62 11.07 33.21
CA LYS B 218 16.41 10.30 33.48
C LYS B 218 16.72 9.06 34.29
N ARG B 219 16.24 9.03 35.53
CA ARG B 219 16.39 7.86 36.38
C ARG B 219 15.45 6.77 35.90
N VAL B 220 15.99 5.58 35.66
CA VAL B 220 15.17 4.47 35.19
C VAL B 220 14.57 3.72 36.36
N HIS B 221 13.27 3.94 36.58
CA HIS B 221 12.58 3.37 37.73
C HIS B 221 12.38 1.87 37.60
N HIS B 222 12.90 1.12 38.56
CA HIS B 222 12.80 -0.33 38.57
C HIS B 222 11.44 -0.80 39.08
N HIS B 223 10.79 -1.68 38.31
CA HIS B 223 9.52 -2.25 38.73
C HIS B 223 9.71 -3.58 39.46
N HIS B 224 8.92 -3.81 40.49
CA HIS B 224 8.97 -5.05 41.25
C HIS B 224 7.57 -5.50 41.65
N PCA C 1 -1.62 -4.83 -17.56
CA PCA C 1 -2.64 -5.46 -18.41
CB PCA C 1 -3.72 -6.10 -17.56
CG PCA C 1 -3.54 -5.59 -16.15
CD PCA C 1 -2.20 -4.91 -16.21
OE PCA C 1 -1.64 -4.48 -15.20
C PCA C 1 -3.29 -4.42 -19.31
O PCA C 1 -3.00 -3.23 -19.21
N SER C 2 -4.15 -4.88 -20.20
CA SER C 2 -4.86 -3.99 -21.12
C SER C 2 -5.94 -3.20 -20.37
N VAL C 3 -6.36 -2.08 -20.95
CA VAL C 3 -7.34 -1.22 -20.31
C VAL C 3 -8.48 -0.85 -21.25
N LEU C 4 -9.69 -1.31 -20.93
CA LEU C 4 -10.88 -0.92 -21.66
C LEU C 4 -11.54 0.26 -20.95
N THR C 5 -11.74 1.35 -21.67
CA THR C 5 -12.22 2.59 -21.08
C THR C 5 -13.67 2.89 -21.45
N GLN C 6 -14.49 3.18 -20.44
CA GLN C 6 -15.89 3.54 -20.64
C GLN C 6 -16.16 4.90 -20.02
N PRO C 7 -17.14 5.64 -20.55
CA PRO C 7 -17.60 6.86 -19.88
C PRO C 7 -18.30 6.50 -18.58
N PRO C 8 -17.97 7.19 -17.48
CA PRO C 8 -18.52 6.84 -16.16
C PRO C 8 -20.04 6.86 -16.09
N SER C 9 -20.69 7.68 -16.91
CA SER C 9 -22.12 7.87 -16.80
C SER C 9 -22.79 8.24 -18.12
N VAL C 10 -23.99 7.70 -18.34
CA VAL C 10 -24.82 8.09 -19.47
C VAL C 10 -26.26 8.26 -19.00
N SER C 11 -26.80 9.46 -19.18
CA SER C 11 -28.19 9.72 -18.80
C SER C 11 -29.09 9.72 -20.02
N VAL C 12 -30.22 9.03 -19.93
CA VAL C 12 -31.12 8.91 -21.07
C VAL C 12 -32.58 9.11 -20.64
N ALA C 13 -33.37 9.70 -21.53
CA ALA C 13 -34.80 9.83 -21.31
C ALA C 13 -35.48 8.52 -21.66
N PRO C 14 -36.64 8.24 -21.05
CA PRO C 14 -37.35 6.99 -21.39
C PRO C 14 -37.83 7.00 -22.84
N GLY C 15 -37.40 5.98 -23.59
CA GLY C 15 -37.74 5.88 -25.00
C GLY C 15 -36.61 6.37 -25.89
N GLN C 16 -35.64 7.05 -25.28
CA GLN C 16 -34.49 7.57 -26.00
C GLN C 16 -33.38 6.53 -26.10
N THR C 17 -32.76 6.44 -27.26
CA THR C 17 -31.70 5.47 -27.50
C THR C 17 -30.44 5.80 -26.70
N ALA C 18 -29.89 4.81 -26.01
CA ALA C 18 -28.66 4.98 -25.25
C ALA C 18 -27.47 4.37 -25.99
N ARG C 19 -26.33 5.05 -25.93
CA ARG C 19 -25.11 4.55 -26.57
C ARG C 19 -23.94 4.58 -25.60
N ILE C 20 -23.42 3.41 -25.27
CA ILE C 20 -22.31 3.30 -24.33
C ILE C 20 -21.04 2.88 -25.06
N SER C 21 -20.03 3.74 -25.07
CA SER C 21 -18.80 3.45 -25.80
C SER C 21 -17.79 2.69 -24.95
N CYS C 22 -16.85 2.04 -25.64
CA CYS C 22 -15.76 1.33 -24.97
C CYS C 22 -14.52 1.39 -25.85
N SER C 23 -13.46 2.02 -25.36
CA SER C 23 -12.25 2.22 -26.15
C SER C 23 -11.07 1.43 -25.59
N GLY C 24 -10.10 1.14 -26.46
CA GLY C 24 -8.91 0.43 -26.05
C GLY C 24 -8.22 -0.26 -27.21
N ASP C 25 -7.07 -0.85 -26.95
CA ASP C 25 -6.32 -1.56 -27.98
C ASP C 25 -6.88 -2.96 -28.19
N ASN C 26 -7.58 -3.47 -27.18
CA ASN C 26 -8.21 -4.78 -27.28
C ASN C 26 -9.42 -4.78 -28.18
N ILE C 27 -9.95 -3.58 -28.47
CA ILE C 27 -11.17 -3.44 -29.26
C ILE C 27 -11.00 -3.98 -30.69
N GLY C 28 -9.97 -3.51 -31.38
CA GLY C 28 -9.73 -3.93 -32.75
C GLY C 28 -8.95 -5.22 -32.87
N SER C 29 -8.73 -5.89 -31.74
CA SER C 29 -7.93 -7.10 -31.73
C SER C 29 -8.67 -8.30 -31.12
N TYR C 30 -9.80 -8.03 -30.48
CA TYR C 30 -10.58 -9.09 -29.84
C TYR C 30 -12.07 -8.80 -29.97
N TYR C 31 -12.88 -9.86 -29.85
CA TYR C 31 -14.32 -9.71 -29.77
C TYR C 31 -14.69 -9.06 -28.43
N VAL C 32 -15.73 -8.22 -28.45
CA VAL C 32 -16.15 -7.52 -27.24
C VAL C 32 -17.47 -8.05 -26.69
N HIS C 33 -17.48 -8.40 -25.41
CA HIS C 33 -18.72 -8.82 -24.75
C HIS C 33 -19.21 -7.71 -23.82
N TRP C 34 -20.52 -7.60 -23.67
CA TRP C 34 -21.12 -6.59 -22.79
C TRP C 34 -21.96 -7.24 -21.69
N TYR C 35 -21.76 -6.77 -20.46
CA TYR C 35 -22.52 -7.28 -19.33
C TYR C 35 -23.37 -6.21 -18.67
N GLN C 36 -24.54 -6.61 -18.19
CA GLN C 36 -25.44 -5.70 -17.48
C GLN C 36 -25.54 -6.11 -16.03
N GLN C 37 -25.33 -5.16 -15.12
CA GLN C 37 -25.42 -5.45 -13.71
C GLN C 37 -26.36 -4.50 -12.98
N LYS C 38 -27.42 -5.07 -12.42
CA LYS C 38 -28.35 -4.34 -11.59
C LYS C 38 -27.86 -4.44 -10.15
N PRO C 39 -28.26 -3.48 -9.30
CA PRO C 39 -27.83 -3.47 -7.90
C PRO C 39 -28.13 -4.78 -7.18
N GLY C 40 -27.16 -5.29 -6.45
CA GLY C 40 -27.33 -6.50 -5.64
C GLY C 40 -27.43 -7.78 -6.45
N GLN C 41 -27.17 -7.70 -7.74
CA GLN C 41 -27.28 -8.86 -8.61
C GLN C 41 -25.96 -9.15 -9.34
N ALA C 42 -25.81 -10.40 -9.77
CA ALA C 42 -24.70 -10.78 -10.63
C ALA C 42 -24.90 -10.14 -12.00
N PRO C 43 -23.81 -9.91 -12.75
CA PRO C 43 -23.94 -9.33 -14.09
C PRO C 43 -24.68 -10.26 -15.05
N VAL C 44 -25.24 -9.69 -16.11
CA VAL C 44 -25.93 -10.46 -17.12
C VAL C 44 -25.41 -10.13 -18.52
N LEU C 45 -25.00 -11.15 -19.26
CA LEU C 45 -24.52 -10.98 -20.63
C LEU C 45 -25.64 -10.51 -21.55
N VAL C 46 -25.48 -9.33 -22.15
CA VAL C 46 -26.48 -8.79 -23.06
C VAL C 46 -26.02 -8.87 -24.51
N ILE C 47 -24.71 -8.74 -24.72
CA ILE C 47 -24.12 -8.82 -26.06
C ILE C 47 -22.78 -9.54 -25.98
N TYR C 48 -22.59 -10.54 -26.83
CA TYR C 48 -21.32 -11.24 -26.93
C TYR C 48 -20.83 -11.23 -28.36
N GLU C 49 -19.51 -11.34 -28.55
CA GLU C 49 -18.90 -11.30 -29.88
C GLU C 49 -19.32 -10.06 -30.65
N ASP C 50 -18.99 -8.89 -30.10
CA ASP C 50 -19.31 -7.60 -30.70
C ASP C 50 -20.80 -7.31 -30.91
N SER C 51 -21.53 -8.24 -31.53
CA SER C 51 -22.89 -7.95 -31.97
C SER C 51 -23.95 -9.01 -31.62
N GLU C 52 -23.52 -10.21 -31.27
CA GLU C 52 -24.45 -11.31 -31.01
C GLU C 52 -25.22 -11.13 -29.71
N ARG C 53 -26.49 -11.51 -29.72
CA ARG C 53 -27.35 -11.38 -28.55
C ARG C 53 -27.87 -12.74 -28.11
N PRO C 54 -27.63 -13.09 -26.83
CA PRO C 54 -28.13 -14.35 -26.27
C PRO C 54 -29.65 -14.35 -26.17
N SER C 55 -30.27 -15.52 -26.25
CA SER C 55 -31.72 -15.63 -26.19
C SER C 55 -32.24 -15.25 -24.81
N GLY C 56 -33.36 -14.53 -24.80
CA GLY C 56 -33.93 -14.05 -23.56
C GLY C 56 -33.71 -12.55 -23.37
N ILE C 57 -32.71 -12.03 -24.08
CA ILE C 57 -32.40 -10.61 -24.01
C ILE C 57 -33.24 -9.83 -25.02
N PRO C 58 -33.85 -8.72 -24.59
CA PRO C 58 -34.70 -7.88 -25.45
C PRO C 58 -33.97 -7.47 -26.73
N GLU C 59 -34.72 -7.40 -27.83
CA GLU C 59 -34.15 -7.16 -29.14
C GLU C 59 -33.59 -5.76 -29.27
N ARG C 60 -33.99 -4.87 -28.37
CA ARG C 60 -33.55 -3.47 -28.41
C ARG C 60 -32.07 -3.31 -28.09
N PHE C 61 -31.47 -4.38 -27.55
CA PHE C 61 -30.03 -4.39 -27.26
C PHE C 61 -29.23 -4.80 -28.49
N SER C 62 -28.16 -4.06 -28.77
CA SER C 62 -27.28 -4.36 -29.89
C SER C 62 -25.89 -3.77 -29.66
N GLY C 63 -24.89 -4.38 -30.30
CA GLY C 63 -23.52 -3.94 -30.14
C GLY C 63 -22.79 -3.80 -31.47
N SER C 64 -21.86 -2.85 -31.54
CA SER C 64 -21.08 -2.61 -32.74
C SER C 64 -19.60 -2.53 -32.41
N ASN C 65 -18.77 -2.39 -33.43
CA ASN C 65 -17.33 -2.26 -33.24
C ASN C 65 -16.65 -1.60 -34.44
N SER C 66 -16.38 -0.31 -34.32
CA SER C 66 -15.75 0.45 -35.40
C SER C 66 -14.41 1.03 -34.98
N GLY C 67 -13.33 0.40 -35.44
CA GLY C 67 -11.99 0.82 -35.09
C GLY C 67 -11.60 0.38 -33.68
N ASN C 68 -11.17 1.33 -32.87
CA ASN C 68 -10.84 1.06 -31.48
C ASN C 68 -11.92 1.53 -30.52
N THR C 69 -13.17 1.42 -30.95
CA THR C 69 -14.31 1.83 -30.14
C THR C 69 -15.50 0.89 -30.32
N ALA C 70 -15.86 0.18 -29.26
CA ALA C 70 -17.05 -0.65 -29.27
C ALA C 70 -18.21 0.14 -28.70
N THR C 71 -19.43 -0.17 -29.13
CA THR C 71 -20.60 0.57 -28.69
C THR C 71 -21.80 -0.33 -28.44
N LEU C 72 -22.34 -0.25 -27.23
CA LEU C 72 -23.57 -0.96 -26.89
C LEU C 72 -24.75 -0.01 -27.09
N THR C 73 -25.61 -0.33 -28.05
CA THR C 73 -26.76 0.52 -28.34
C THR C 73 -28.03 -0.06 -27.75
N ILE C 74 -28.75 0.76 -27.00
CA ILE C 74 -30.03 0.36 -26.45
C ILE C 74 -31.10 1.18 -27.12
N SER C 75 -31.62 0.69 -28.24
CA SER C 75 -32.67 1.40 -28.94
C SER C 75 -33.88 1.53 -28.05
N GLY C 76 -34.10 2.73 -27.51
CA GLY C 76 -35.29 2.98 -26.74
C GLY C 76 -35.19 2.36 -25.38
N THR C 77 -34.19 2.83 -24.63
CA THR C 77 -34.00 2.45 -23.25
C THR C 77 -35.32 2.56 -22.49
N GLN C 78 -35.69 1.47 -21.81
CA GLN C 78 -36.85 1.47 -20.94
C GLN C 78 -36.33 1.60 -19.52
N ALA C 79 -37.25 1.77 -18.57
CA ALA C 79 -36.88 1.97 -17.18
C ALA C 79 -36.07 0.78 -16.63
N GLU C 80 -36.43 -0.42 -17.07
CA GLU C 80 -35.80 -1.64 -16.59
C GLU C 80 -34.36 -1.80 -17.09
N ASP C 81 -33.95 -0.95 -18.01
CA ASP C 81 -32.61 -1.03 -18.58
C ASP C 81 -31.60 -0.22 -17.76
N GLU C 82 -32.11 0.47 -16.75
CA GLU C 82 -31.26 1.27 -15.87
C GLU C 82 -30.39 0.36 -15.01
N ALA C 83 -29.09 0.36 -15.27
CA ALA C 83 -28.15 -0.48 -14.55
C ALA C 83 -26.70 -0.06 -14.83
N ASP C 84 -25.75 -0.92 -14.45
CA ASP C 84 -24.35 -0.72 -14.80
C ASP C 84 -23.96 -1.64 -15.96
N TYR C 85 -23.29 -1.07 -16.97
CA TYR C 85 -22.86 -1.85 -18.11
C TYR C 85 -21.34 -1.87 -18.23
N TYR C 86 -20.78 -3.08 -18.26
CA TYR C 86 -19.36 -3.26 -18.38
C TYR C 86 -19.03 -3.92 -19.72
N CYS C 87 -18.13 -3.30 -20.49
CA CYS C 87 -17.62 -3.95 -21.68
C CYS C 87 -16.46 -4.84 -21.30
N SER C 88 -16.26 -5.90 -22.06
CA SER C 88 -15.25 -6.89 -21.73
C SER C 88 -14.76 -7.60 -22.98
N SER C 89 -13.54 -8.11 -22.93
CA SER C 89 -12.99 -8.87 -24.05
C SER C 89 -11.98 -9.88 -23.58
N TYR C 90 -11.67 -10.83 -24.45
CA TYR C 90 -10.58 -11.77 -24.21
C TYR C 90 -9.26 -11.01 -24.32
N ASP C 91 -8.19 -11.61 -23.85
CA ASP C 91 -6.86 -11.01 -23.92
C ASP C 91 -5.81 -12.11 -23.91
N ASP C 92 -4.83 -12.01 -24.79
CA ASP C 92 -3.84 -13.08 -24.93
C ASP C 92 -2.97 -13.31 -23.69
N PRO C 93 -2.38 -12.24 -23.13
CA PRO C 93 -1.62 -12.53 -21.91
C PRO C 93 -2.49 -12.64 -20.64
N ASN C 94 -3.48 -11.77 -20.48
CA ASN C 94 -4.23 -11.68 -19.23
C ASN C 94 -5.64 -12.28 -19.25
N PHE C 95 -5.88 -13.19 -20.19
CA PHE C 95 -7.16 -13.88 -20.33
C PHE C 95 -8.39 -12.97 -20.48
N GLN C 96 -8.72 -12.24 -19.41
CA GLN C 96 -9.93 -11.42 -19.42
C GLN C 96 -9.69 -10.00 -18.92
N VAL C 97 -10.34 -9.04 -19.58
CA VAL C 97 -10.21 -7.63 -19.24
C VAL C 97 -11.57 -6.95 -19.27
N PHE C 98 -11.90 -6.23 -18.20
CA PHE C 98 -13.18 -5.55 -18.11
C PHE C 98 -13.03 -4.04 -18.26
N GLY C 99 -14.07 -3.39 -18.78
CA GLY C 99 -14.12 -1.95 -18.81
C GLY C 99 -14.45 -1.42 -17.43
N GLY C 100 -14.21 -0.13 -17.21
CA GLY C 100 -14.46 0.49 -15.92
C GLY C 100 -15.93 0.49 -15.53
N GLY C 101 -16.80 0.50 -16.52
CA GLY C 101 -18.23 0.45 -16.28
C GLY C 101 -18.91 1.79 -16.51
N THR C 102 -20.16 1.73 -16.94
CA THR C 102 -20.93 2.93 -17.25
C THR C 102 -22.30 2.86 -16.59
N LYS C 103 -22.59 3.86 -15.76
CA LYS C 103 -23.88 3.91 -15.09
C LYS C 103 -24.90 4.52 -16.04
N LEU C 104 -25.94 3.76 -16.35
CA LEU C 104 -27.00 4.23 -17.23
C LEU C 104 -28.24 4.61 -16.45
N THR C 105 -28.72 5.85 -16.64
CA THR C 105 -29.88 6.33 -15.91
C THR C 105 -31.02 6.71 -16.84
N VAL C 106 -32.19 6.11 -16.59
CA VAL C 106 -33.40 6.49 -17.31
C VAL C 106 -34.08 7.57 -16.49
N LEU C 107 -34.11 8.79 -17.05
CA LEU C 107 -34.55 9.96 -16.31
C LEU C 107 -35.98 9.86 -15.79
N GLY C 108 -36.10 9.70 -14.47
CA GLY C 108 -37.39 9.62 -13.81
C GLY C 108 -37.72 10.89 -13.04
N GLN C 109 -36.80 11.86 -13.06
CA GLN C 109 -37.02 13.18 -12.47
C GLN C 109 -36.07 14.19 -13.10
N PRO C 110 -36.41 15.49 -13.04
CA PRO C 110 -35.57 16.52 -13.67
C PRO C 110 -34.11 16.47 -13.22
N LYS C 111 -33.20 16.83 -14.13
CA LYS C 111 -31.78 16.87 -13.81
C LYS C 111 -31.51 17.91 -12.73
N ALA C 112 -30.60 17.59 -11.82
CA ALA C 112 -30.28 18.49 -10.73
C ALA C 112 -28.76 18.58 -10.52
N ALA C 113 -28.26 19.81 -10.50
CA ALA C 113 -26.83 20.04 -10.26
C ALA C 113 -26.53 19.80 -8.79
N PRO C 114 -25.31 19.30 -8.49
CA PRO C 114 -24.92 18.96 -7.12
C PRO C 114 -24.60 20.18 -6.26
N SER C 115 -25.09 20.18 -5.02
CA SER C 115 -24.69 21.18 -4.04
C SER C 115 -23.44 20.69 -3.34
N VAL C 116 -22.40 21.51 -3.33
CA VAL C 116 -21.10 21.09 -2.79
C VAL C 116 -20.63 21.97 -1.65
N THR C 117 -20.32 21.34 -0.52
CA THR C 117 -19.79 22.04 0.64
C THR C 117 -18.44 21.43 1.02
N LEU C 118 -17.43 22.28 1.16
CA LEU C 118 -16.08 21.80 1.48
C LEU C 118 -15.57 22.34 2.81
N PHE C 119 -15.20 21.45 3.71
CA PHE C 119 -14.65 21.83 5.02
C PHE C 119 -13.15 21.57 5.11
N PRO C 120 -12.42 22.49 5.74
CA PRO C 120 -10.99 22.34 6.02
C PRO C 120 -10.79 21.52 7.31
N PRO C 121 -9.59 20.98 7.51
CA PRO C 121 -9.27 20.27 8.75
C PRO C 121 -9.52 21.13 9.99
N SER C 122 -10.06 20.53 11.04
CA SER C 122 -10.36 21.26 12.27
C SER C 122 -9.08 21.55 13.05
N SER C 123 -9.17 22.50 13.97
CA SER C 123 -8.03 22.81 14.84
C SER C 123 -7.69 21.61 15.72
N GLU C 124 -8.73 20.91 16.18
CA GLU C 124 -8.57 19.75 17.04
C GLU C 124 -7.82 18.61 16.35
N GLU C 125 -8.18 18.34 15.10
CA GLU C 125 -7.58 17.24 14.36
C GLU C 125 -6.11 17.51 14.06
N LEU C 126 -5.79 18.76 13.74
CA LEU C 126 -4.40 19.15 13.47
C LEU C 126 -3.51 18.96 14.70
N GLN C 127 -4.13 18.99 15.89
CA GLN C 127 -3.41 18.76 17.14
C GLN C 127 -3.05 17.30 17.30
N ALA C 128 -3.79 16.43 16.62
CA ALA C 128 -3.54 14.99 16.67
C ALA C 128 -2.71 14.54 15.47
N ASN C 129 -2.00 15.49 14.87
CA ASN C 129 -1.14 15.23 13.71
C ASN C 129 -1.89 14.61 12.53
N LYS C 130 -3.13 15.05 12.34
CA LYS C 130 -3.97 14.56 11.25
C LYS C 130 -4.64 15.71 10.52
N ALA C 131 -5.09 15.45 9.29
CA ALA C 131 -5.80 16.45 8.51
C ALA C 131 -6.74 15.80 7.50
N THR C 132 -8.02 16.14 7.57
CA THR C 132 -9.02 15.56 6.69
C THR C 132 -9.90 16.64 6.07
N LEU C 133 -10.04 16.60 4.75
CA LEU C 133 -10.91 17.54 4.05
C LEU C 133 -12.24 16.86 3.74
N VAL C 134 -13.33 17.52 4.07
CA VAL C 134 -14.65 16.92 3.91
C VAL C 134 -15.46 17.58 2.80
N CYS C 135 -15.62 16.87 1.69
CA CYS C 135 -16.39 17.38 0.56
C CYS C 135 -17.75 16.70 0.50
N LEU C 136 -18.80 17.49 0.74
CA LEU C 136 -20.15 16.94 0.83
C LEU C 136 -21.00 17.31 -0.38
N ILE C 137 -21.47 16.28 -1.08
CA ILE C 137 -22.23 16.46 -2.32
C ILE C 137 -23.65 15.96 -2.15
N SER C 138 -24.62 16.76 -2.58
CA SER C 138 -26.03 16.43 -2.34
C SER C 138 -26.96 17.08 -3.36
N ASP C 139 -28.21 16.61 -3.36
CA ASP C 139 -29.25 17.15 -4.23
C ASP C 139 -28.88 17.11 -5.72
N PHE C 140 -28.39 15.97 -6.19
CA PHE C 140 -28.08 15.83 -7.60
C PHE C 140 -28.79 14.65 -8.25
N TYR C 141 -29.13 14.81 -9.53
CA TYR C 141 -29.71 13.73 -10.33
C TYR C 141 -29.27 13.90 -11.78
N PRO C 142 -28.90 12.79 -12.44
CA PRO C 142 -28.88 11.41 -11.95
C PRO C 142 -27.79 11.15 -10.89
N GLY C 143 -27.90 10.03 -10.20
CA GLY C 143 -26.97 9.70 -9.13
C GLY C 143 -25.60 9.26 -9.62
N ALA C 144 -24.90 10.18 -10.30
CA ALA C 144 -23.56 9.92 -10.79
C ALA C 144 -22.74 11.20 -10.82
N VAL C 145 -21.58 11.17 -10.17
CA VAL C 145 -20.66 12.30 -10.16
C VAL C 145 -19.22 11.84 -10.25
N THR C 146 -18.36 12.71 -10.79
CA THR C 146 -16.93 12.47 -10.79
C THR C 146 -16.25 13.49 -9.89
N VAL C 147 -15.47 13.00 -8.92
CA VAL C 147 -14.82 13.88 -7.96
C VAL C 147 -13.32 13.93 -8.19
N ALA C 148 -12.76 15.14 -8.20
CA ALA C 148 -11.32 15.32 -8.35
C ALA C 148 -10.79 16.29 -7.30
N TRP C 149 -9.70 15.90 -6.64
CA TRP C 149 -9.09 16.74 -5.61
C TRP C 149 -7.86 17.46 -6.16
N LYS C 150 -7.81 18.77 -5.95
CA LYS C 150 -6.74 19.58 -6.50
C LYS C 150 -5.98 20.38 -5.43
N ALA C 151 -4.72 20.02 -5.23
CA ALA C 151 -3.81 20.84 -4.45
C ALA C 151 -3.35 21.98 -5.36
N ASP C 152 -3.82 23.19 -5.08
CA ASP C 152 -3.68 24.34 -5.97
C ASP C 152 -4.36 24.07 -7.30
N SER C 153 -3.67 23.38 -8.20
CA SER C 153 -4.24 22.99 -9.48
C SER C 153 -3.78 21.59 -9.87
N SER C 154 -2.82 21.05 -9.12
CA SER C 154 -2.32 19.70 -9.36
C SER C 154 -3.27 18.66 -8.79
N PRO C 155 -3.55 17.61 -9.58
CA PRO C 155 -4.44 16.52 -9.13
C PRO C 155 -3.84 15.71 -7.99
N VAL C 156 -4.67 15.35 -7.02
CA VAL C 156 -4.23 14.53 -5.90
C VAL C 156 -4.90 13.15 -5.96
N LYS C 157 -4.12 12.15 -6.33
CA LYS C 157 -4.66 10.80 -6.52
C LYS C 157 -4.74 10.03 -5.21
N ALA C 158 -3.74 10.22 -4.36
CA ALA C 158 -3.64 9.46 -3.11
C ALA C 158 -4.40 10.10 -1.95
N GLY C 159 -4.83 9.28 -1.00
CA GLY C 159 -5.50 9.75 0.20
C GLY C 159 -6.95 10.15 -0.02
N VAL C 160 -7.53 9.69 -1.12
CA VAL C 160 -8.91 10.04 -1.44
C VAL C 160 -9.88 8.88 -1.19
N GLU C 161 -10.92 9.15 -0.42
CA GLU C 161 -12.00 8.20 -0.21
C GLU C 161 -13.32 8.82 -0.65
N THR C 162 -14.03 8.13 -1.54
CA THR C 162 -15.30 8.64 -2.07
C THR C 162 -16.38 7.56 -1.99
N THR C 163 -17.60 7.97 -1.68
CA THR C 163 -18.69 7.03 -1.54
C THR C 163 -19.47 6.91 -2.85
N THR C 164 -20.24 5.83 -2.95
CA THR C 164 -21.18 5.68 -4.06
C THR C 164 -22.43 6.48 -3.71
N PRO C 165 -23.05 7.11 -4.73
CA PRO C 165 -24.23 7.95 -4.52
C PRO C 165 -25.38 7.19 -3.87
N SER C 166 -26.09 7.84 -2.96
CA SER C 166 -27.23 7.25 -2.27
C SER C 166 -28.46 8.12 -2.44
N LYS C 167 -29.60 7.49 -2.72
CA LYS C 167 -30.83 8.22 -2.92
C LYS C 167 -31.32 8.84 -1.62
N GLN C 168 -31.48 10.16 -1.60
CA GLN C 168 -31.98 10.86 -0.43
C GLN C 168 -33.48 10.67 -0.29
N SER C 169 -34.07 11.36 0.68
CA SER C 169 -35.51 11.27 0.91
C SER C 169 -36.29 11.96 -0.21
N ASN C 170 -35.67 12.92 -0.87
CA ASN C 170 -36.31 13.63 -1.97
C ASN C 170 -36.03 12.99 -3.31
N ASN C 171 -35.71 11.70 -3.29
CA ASN C 171 -35.42 10.90 -4.50
C ASN C 171 -34.17 11.35 -5.27
N LYS C 172 -33.47 12.35 -4.73
CA LYS C 172 -32.23 12.81 -5.33
C LYS C 172 -31.06 12.16 -4.58
N TYR C 173 -29.85 12.32 -5.11
CA TYR C 173 -28.73 11.57 -4.58
C TYR C 173 -27.72 12.40 -3.78
N ALA C 174 -27.02 11.74 -2.88
CA ALA C 174 -26.00 12.38 -2.05
C ALA C 174 -24.70 11.61 -2.11
N ALA C 175 -23.59 12.31 -1.93
CA ALA C 175 -22.29 11.66 -1.92
C ALA C 175 -21.33 12.39 -1.00
N SER C 176 -20.25 11.70 -0.62
CA SER C 176 -19.22 12.28 0.22
C SER C 176 -17.84 11.90 -0.31
N SER C 177 -16.89 12.82 -0.19
CA SER C 177 -15.51 12.53 -0.55
C SER C 177 -14.59 13.06 0.55
N TYR C 178 -13.57 12.27 0.89
CA TYR C 178 -12.64 12.64 1.95
C TYR C 178 -11.20 12.62 1.45
N LEU C 179 -10.44 13.65 1.81
CA LEU C 179 -9.01 13.71 1.47
C LEU C 179 -8.16 13.74 2.73
N SER C 180 -7.54 12.62 3.05
CA SER C 180 -6.69 12.51 4.23
C SER C 180 -5.27 12.95 3.92
N LEU C 181 -4.83 14.00 4.61
CA LEU C 181 -3.48 14.54 4.43
C LEU C 181 -2.79 14.67 5.77
N THR C 182 -1.49 14.97 5.73
CA THR C 182 -0.74 15.30 6.93
C THR C 182 -0.78 16.81 7.10
N PRO C 183 -0.70 17.29 8.35
CA PRO C 183 -0.70 18.73 8.66
C PRO C 183 0.30 19.51 7.80
N GLU C 184 1.47 18.94 7.55
CA GLU C 184 2.48 19.60 6.72
C GLU C 184 2.03 19.76 5.27
N GLN C 185 1.47 18.71 4.70
CA GLN C 185 0.98 18.76 3.32
C GLN C 185 -0.19 19.73 3.19
N TRP C 186 -1.01 19.80 4.23
CA TRP C 186 -2.15 20.73 4.26
C TRP C 186 -1.68 22.17 4.19
N LYS C 187 -0.55 22.47 4.82
CA LYS C 187 0.00 23.82 4.85
C LYS C 187 0.97 24.06 3.69
N SER C 188 1.41 22.98 3.06
CA SER C 188 2.39 23.06 1.97
C SER C 188 1.82 23.72 0.72
N HIS C 189 0.50 23.63 0.56
CA HIS C 189 -0.18 24.29 -0.54
C HIS C 189 -1.03 25.42 -0.01
N ARG C 190 -1.41 26.35 -0.88
CA ARG C 190 -2.14 27.53 -0.43
C ARG C 190 -3.63 27.43 -0.72
N SER C 191 -4.03 26.39 -1.44
CA SER C 191 -5.44 26.16 -1.74
C SER C 191 -5.72 24.72 -2.16
N TYR C 192 -6.73 24.12 -1.54
CA TYR C 192 -7.20 22.81 -1.95
C TYR C 192 -8.62 22.93 -2.48
N SER C 193 -8.90 22.22 -3.57
CA SER C 193 -10.20 22.34 -4.23
C SER C 193 -10.87 20.99 -4.44
N CYS C 194 -12.19 20.97 -4.32
CA CYS C 194 -12.97 19.78 -4.60
C CYS C 194 -13.84 20.01 -5.82
N GLN C 195 -13.60 19.24 -6.88
CA GLN C 195 -14.31 19.44 -8.13
C GLN C 195 -15.30 18.30 -8.38
N VAL C 196 -16.58 18.67 -8.52
CA VAL C 196 -17.63 17.70 -8.76
C VAL C 196 -18.24 17.86 -10.14
N THR C 197 -17.89 16.96 -11.05
CA THR C 197 -18.40 17.00 -12.42
C THR C 197 -19.70 16.22 -12.52
N HIS C 198 -20.76 16.90 -12.93
CA HIS C 198 -22.07 16.29 -13.09
C HIS C 198 -22.75 16.74 -14.36
N GLU C 199 -23.02 15.80 -15.26
CA GLU C 199 -23.67 16.09 -16.54
C GLU C 199 -22.92 17.16 -17.34
N GLY C 200 -21.61 16.99 -17.47
CA GLY C 200 -20.79 17.94 -18.20
C GLY C 200 -20.29 19.09 -17.33
N SER C 201 -21.19 19.69 -16.57
CA SER C 201 -20.86 20.82 -15.71
C SER C 201 -20.04 20.40 -14.49
N THR C 202 -19.13 21.28 -14.06
CA THR C 202 -18.30 21.02 -12.89
C THR C 202 -18.54 22.05 -11.79
N VAL C 203 -18.90 21.57 -10.61
CA VAL C 203 -19.04 22.43 -9.44
C VAL C 203 -17.75 22.38 -8.63
N GLU C 204 -17.26 23.56 -8.24
CA GLU C 204 -15.96 23.67 -7.59
C GLU C 204 -16.05 24.40 -6.25
N LYS C 205 -15.39 23.85 -5.23
CA LYS C 205 -15.26 24.51 -3.93
C LYS C 205 -13.81 24.45 -3.45
N THR C 206 -13.34 25.56 -2.88
CA THR C 206 -11.93 25.68 -2.51
C THR C 206 -11.75 26.22 -1.09
N VAL C 207 -10.81 25.62 -0.35
CA VAL C 207 -10.48 26.08 0.99
C VAL C 207 -8.99 26.45 1.10
N ALA C 208 -8.69 27.46 1.91
CA ALA C 208 -7.31 27.92 2.07
C ALA C 208 -6.80 27.70 3.49
N PRO C 209 -5.54 27.25 3.61
CA PRO C 209 -4.90 27.01 4.92
C PRO C 209 -4.63 28.29 5.71
N THR C 210 -4.13 29.33 5.04
CA THR C 210 -3.74 30.56 5.71
C THR C 210 -4.91 31.37 6.26
N GLU C 211 -6.10 31.20 5.65
CA GLU C 211 -7.27 31.93 6.11
C GLU C 211 -7.86 31.31 7.38
N CYS C 212 -7.39 30.11 7.72
CA CYS C 212 -7.79 29.45 8.96
C CYS C 212 -6.67 28.57 9.51
N GLN D 1 -31.63 -24.71 -15.98
CA GLN D 1 -30.34 -24.87 -16.67
C GLN D 1 -29.21 -25.12 -15.68
N VAL D 2 -28.16 -24.32 -15.77
CA VAL D 2 -27.02 -24.48 -14.87
C VAL D 2 -27.16 -23.56 -13.66
N GLN D 3 -27.09 -24.16 -12.47
CA GLN D 3 -27.18 -23.40 -11.23
C GLN D 3 -25.83 -23.38 -10.51
N LEU D 4 -25.40 -22.19 -10.11
CA LEU D 4 -24.16 -22.03 -9.35
C LEU D 4 -24.46 -21.41 -7.99
N GLN D 5 -24.27 -22.19 -6.94
CA GLN D 5 -24.56 -21.72 -5.59
C GLN D 5 -23.27 -21.58 -4.76
N GLN D 6 -22.92 -20.34 -4.45
CA GLN D 6 -21.70 -20.06 -3.69
C GLN D 6 -21.91 -20.20 -2.20
N SER D 7 -20.84 -20.54 -1.49
CA SER D 7 -20.89 -20.64 -0.03
C SER D 7 -19.52 -20.38 0.58
N GLY D 8 -19.51 -19.76 1.76
CA GLY D 8 -18.27 -19.47 2.46
C GLY D 8 -18.38 -18.26 3.37
N PRO D 9 -17.42 -18.11 4.29
CA PRO D 9 -17.40 -17.00 5.24
C PRO D 9 -17.45 -15.63 4.57
N GLY D 10 -18.35 -14.77 5.04
CA GLY D 10 -18.44 -13.42 4.52
C GLY D 10 -17.59 -12.46 5.33
N LEU D 11 -16.63 -13.01 6.07
CA LEU D 11 -15.76 -12.22 6.92
C LEU D 11 -14.47 -12.99 7.21
N VAL D 12 -13.34 -12.36 6.90
CA VAL D 12 -12.03 -12.99 7.11
C VAL D 12 -11.04 -12.03 7.77
N LYS D 13 -10.32 -12.53 8.76
CA LYS D 13 -9.28 -11.72 9.41
C LYS D 13 -8.09 -11.57 8.46
N PRO D 14 -7.41 -10.41 8.53
CA PRO D 14 -6.22 -10.17 7.69
C PRO D 14 -5.13 -11.21 7.89
N SER D 15 -4.35 -11.45 6.85
CA SER D 15 -3.28 -12.45 6.82
C SER D 15 -3.78 -13.90 6.87
N GLN D 16 -5.10 -14.08 6.78
CA GLN D 16 -5.67 -15.42 6.75
C GLN D 16 -5.97 -15.86 5.32
N THR D 17 -6.67 -16.98 5.20
CA THR D 17 -7.01 -17.52 3.89
C THR D 17 -8.50 -17.36 3.60
N LEU D 18 -8.81 -16.79 2.44
CA LEU D 18 -10.19 -16.61 2.00
C LEU D 18 -10.64 -17.84 1.22
N SER D 19 -11.58 -18.60 1.81
CA SER D 19 -12.08 -19.81 1.18
C SER D 19 -13.56 -19.71 0.79
N LEU D 20 -13.83 -19.98 -0.49
CA LEU D 20 -15.20 -20.02 -0.99
C LEU D 20 -15.44 -21.27 -1.82
N THR D 21 -16.70 -21.63 -2.00
CA THR D 21 -17.07 -22.84 -2.73
C THR D 21 -18.22 -22.57 -3.70
N CYS D 22 -18.04 -22.96 -4.96
CA CYS D 22 -19.09 -22.81 -5.96
C CYS D 22 -19.68 -24.17 -6.32
N ALA D 23 -20.93 -24.41 -5.89
CA ALA D 23 -21.58 -25.68 -6.13
C ALA D 23 -22.34 -25.69 -7.45
N ILE D 24 -21.95 -26.59 -8.35
CA ILE D 24 -22.54 -26.66 -9.67
C ILE D 24 -23.67 -27.71 -9.72
N SER D 25 -24.78 -27.34 -10.35
CA SER D 25 -25.85 -28.28 -10.60
C SER D 25 -26.48 -28.00 -11.97
N GLY D 26 -26.64 -29.04 -12.77
CA GLY D 26 -27.16 -28.89 -14.12
C GLY D 26 -26.03 -28.84 -15.14
N ASP D 27 -24.84 -29.20 -14.69
CA ASP D 27 -23.65 -29.20 -15.54
C ASP D 27 -22.53 -29.93 -14.80
N SER D 28 -21.43 -30.19 -15.49
CA SER D 28 -20.30 -30.88 -14.89
C SER D 28 -19.09 -29.97 -14.75
N VAL D 29 -18.31 -30.17 -13.69
CA VAL D 29 -17.11 -29.40 -13.46
C VAL D 29 -15.97 -29.93 -14.34
N SER D 30 -16.20 -31.12 -14.92
CA SER D 30 -15.22 -31.73 -15.81
C SER D 30 -15.63 -31.58 -17.26
N SER D 31 -16.67 -30.77 -17.50
CA SER D 31 -17.21 -30.56 -18.84
C SER D 31 -16.16 -30.03 -19.83
N ASN D 32 -16.13 -30.61 -21.02
CA ASN D 32 -15.22 -30.18 -22.06
C ASN D 32 -15.82 -29.10 -22.95
N SER D 33 -16.93 -28.53 -22.50
CA SER D 33 -17.62 -27.48 -23.25
C SER D 33 -17.79 -26.22 -22.40
N ALA D 34 -17.02 -26.14 -21.32
CA ALA D 34 -17.12 -25.01 -20.40
C ALA D 34 -15.87 -24.84 -19.54
N ALA D 35 -15.72 -23.64 -18.99
CA ALA D 35 -14.62 -23.35 -18.08
C ALA D 35 -15.15 -22.69 -16.80
N TRP D 36 -14.51 -22.99 -15.67
CA TRP D 36 -14.99 -22.51 -14.37
C TRP D 36 -13.96 -21.62 -13.68
N GLY D 37 -14.39 -20.44 -13.26
CA GLY D 37 -13.48 -19.50 -12.62
C GLY D 37 -14.14 -18.53 -11.66
N TRP D 38 -13.32 -17.65 -11.09
CA TRP D 38 -13.80 -16.67 -10.13
C TRP D 38 -13.43 -15.26 -10.56
N ILE D 39 -14.38 -14.34 -10.43
CA ILE D 39 -14.08 -12.91 -10.61
C ILE D 39 -14.62 -12.15 -9.39
N ARG D 40 -14.00 -11.02 -9.08
CA ARG D 40 -14.43 -10.22 -7.94
C ARG D 40 -14.75 -8.80 -8.34
N GLN D 41 -15.39 -8.06 -7.43
CA GLN D 41 -15.80 -6.69 -7.70
C GLN D 41 -15.89 -5.87 -6.42
N SER D 42 -15.08 -4.82 -6.33
CA SER D 42 -15.21 -3.85 -5.25
C SER D 42 -15.76 -2.54 -5.80
N PRO D 43 -16.56 -1.84 -4.99
CA PRO D 43 -17.15 -0.56 -5.43
C PRO D 43 -16.09 0.47 -5.81
N GLY D 44 -14.89 0.35 -5.26
CA GLY D 44 -13.79 1.25 -5.58
C GLY D 44 -13.25 1.03 -6.99
N ARG D 45 -13.58 -0.12 -7.57
CA ARG D 45 -13.18 -0.43 -8.94
C ARG D 45 -14.36 -1.04 -9.68
N GLY D 46 -14.06 -1.90 -10.66
CA GLY D 46 -15.10 -2.58 -11.42
C GLY D 46 -14.98 -4.07 -11.27
N LEU D 47 -14.97 -4.78 -12.40
CA LEU D 47 -14.85 -6.23 -12.39
C LEU D 47 -13.41 -6.66 -12.63
N GLU D 48 -12.99 -7.69 -11.92
CA GLU D 48 -11.61 -8.16 -12.01
C GLU D 48 -11.56 -9.68 -12.10
N TRP D 49 -10.98 -10.20 -13.18
CA TRP D 49 -10.81 -11.63 -13.34
C TRP D 49 -9.70 -12.14 -12.41
N LEU D 50 -9.97 -13.22 -11.69
CA LEU D 50 -9.03 -13.75 -10.72
C LEU D 50 -8.32 -15.00 -11.23
N GLY D 51 -9.10 -15.97 -11.69
CA GLY D 51 -8.54 -17.23 -12.11
C GLY D 51 -9.58 -18.10 -12.79
N ILE D 52 -9.13 -19.23 -13.35
CA ILE D 52 -10.02 -20.08 -14.11
C ILE D 52 -9.46 -21.51 -14.21
N ILE D 53 -10.35 -22.48 -14.36
CA ILE D 53 -9.96 -23.86 -14.53
C ILE D 53 -10.89 -24.54 -15.54
N GLN D 54 -10.34 -25.44 -16.34
CA GLN D 54 -11.12 -26.09 -17.40
C GLN D 54 -10.60 -27.49 -17.66
N LYS D 55 -11.48 -28.48 -17.68
CA LYS D 55 -11.07 -29.86 -17.90
C LYS D 55 -10.94 -30.18 -19.38
N ARG D 56 -9.71 -30.40 -19.83
CA ARG D 56 -9.44 -30.84 -21.18
C ARG D 56 -8.74 -32.18 -21.16
N SER D 57 -7.42 -32.15 -21.38
CA SER D 57 -6.62 -33.35 -21.29
C SER D 57 -6.34 -33.69 -19.83
N LYS D 58 -5.56 -32.83 -19.18
CA LYS D 58 -5.32 -32.93 -17.75
C LYS D 58 -6.05 -31.78 -17.06
N TRP D 59 -5.65 -31.45 -15.84
CA TRP D 59 -6.25 -30.31 -15.15
C TRP D 59 -5.42 -29.05 -15.33
N TYR D 60 -5.96 -28.11 -16.09
CA TYR D 60 -5.27 -26.86 -16.40
C TYR D 60 -5.91 -25.67 -15.69
N ASN D 61 -5.07 -24.78 -15.17
CA ASN D 61 -5.56 -23.56 -14.53
C ASN D 61 -4.81 -22.32 -15.01
N ASN D 62 -5.52 -21.19 -15.06
CA ASN D 62 -4.92 -19.92 -15.42
C ASN D 62 -5.29 -18.87 -14.39
N TYR D 63 -4.28 -18.19 -13.83
CA TYR D 63 -4.51 -17.20 -12.79
C TYR D 63 -4.06 -15.81 -13.22
N ALA D 64 -4.67 -14.78 -12.65
CA ALA D 64 -4.26 -13.41 -12.89
C ALA D 64 -2.97 -13.13 -12.11
N VAL D 65 -2.08 -12.33 -12.68
CA VAL D 65 -0.78 -12.09 -12.06
C VAL D 65 -0.90 -11.31 -10.74
N SER D 66 -2.02 -10.63 -10.56
CA SER D 66 -2.25 -9.84 -9.34
C SER D 66 -2.31 -10.73 -8.09
N VAL D 67 -2.95 -11.90 -8.24
CA VAL D 67 -3.14 -12.80 -7.11
C VAL D 67 -2.58 -14.19 -7.39
N LYS D 68 -1.71 -14.29 -8.39
CA LYS D 68 -1.17 -15.58 -8.82
C LYS D 68 -0.41 -16.31 -7.71
N SER D 69 0.33 -15.56 -6.91
CA SER D 69 1.13 -16.15 -5.84
C SER D 69 0.31 -16.44 -4.59
N ARG D 70 -0.99 -16.18 -4.65
CA ARG D 70 -1.85 -16.37 -3.49
C ARG D 70 -3.08 -17.24 -3.78
N ILE D 71 -3.57 -17.18 -5.01
CA ILE D 71 -4.83 -17.83 -5.36
C ILE D 71 -4.68 -19.34 -5.62
N THR D 72 -5.75 -20.07 -5.35
CA THR D 72 -5.81 -21.52 -5.59
C THR D 72 -7.24 -21.93 -5.93
N ILE D 73 -7.43 -22.50 -7.11
CA ILE D 73 -8.75 -22.94 -7.55
C ILE D 73 -8.76 -24.44 -7.86
N ASN D 74 -9.25 -25.23 -6.91
CA ASN D 74 -9.31 -26.68 -7.08
C ASN D 74 -10.73 -27.20 -7.22
N PRO D 75 -10.93 -28.14 -8.17
CA PRO D 75 -12.24 -28.75 -8.41
C PRO D 75 -12.49 -29.97 -7.52
N ASP D 76 -13.73 -30.13 -7.07
CA ASP D 76 -14.12 -31.31 -6.32
C ASP D 76 -14.99 -32.17 -7.21
N THR D 77 -14.36 -33.08 -7.96
CA THR D 77 -15.08 -33.93 -8.91
C THR D 77 -16.08 -34.84 -8.20
N SER D 78 -15.75 -35.22 -6.97
CA SER D 78 -16.62 -36.12 -6.20
C SER D 78 -17.93 -35.44 -5.80
N LYS D 79 -17.90 -34.12 -5.63
CA LYS D 79 -19.08 -33.38 -5.21
C LYS D 79 -19.55 -32.37 -6.25
N ASN D 80 -18.88 -32.37 -7.41
CA ASN D 80 -19.22 -31.46 -8.50
C ASN D 80 -19.09 -29.98 -8.11
N GLN D 81 -17.93 -29.61 -7.58
CA GLN D 81 -17.69 -28.25 -7.12
C GLN D 81 -16.33 -27.74 -7.56
N PHE D 82 -16.06 -26.47 -7.28
CA PHE D 82 -14.73 -25.89 -7.43
C PHE D 82 -14.54 -24.72 -6.47
N SER D 83 -13.40 -24.70 -5.79
CA SER D 83 -13.16 -23.78 -4.69
C SER D 83 -12.39 -22.53 -5.09
N LEU D 84 -12.19 -21.65 -4.11
CA LEU D 84 -11.36 -20.47 -4.26
C LEU D 84 -10.56 -20.27 -2.98
N GLN D 85 -9.24 -20.34 -3.09
CA GLN D 85 -8.38 -20.23 -1.93
C GLN D 85 -7.45 -19.03 -2.11
N LEU D 86 -7.74 -17.94 -1.40
CA LEU D 86 -6.93 -16.73 -1.51
C LEU D 86 -6.20 -16.45 -0.20
N ASN D 87 -4.89 -16.65 -0.21
CA ASN D 87 -4.07 -16.54 1.00
C ASN D 87 -3.61 -15.10 1.29
N SER D 88 -3.19 -14.87 2.53
CA SER D 88 -2.62 -13.58 2.94
C SER D 88 -3.52 -12.39 2.61
N VAL D 89 -4.80 -12.50 2.93
CA VAL D 89 -5.76 -11.44 2.61
C VAL D 89 -5.47 -10.12 3.31
N THR D 90 -5.99 -9.05 2.73
CA THR D 90 -5.77 -7.69 3.20
C THR D 90 -7.03 -6.96 2.76
N PRO D 91 -7.53 -6.02 3.58
CA PRO D 91 -8.70 -5.19 3.29
C PRO D 91 -8.89 -4.79 1.81
N GLU D 92 -7.81 -4.83 1.04
CA GLU D 92 -7.90 -4.61 -0.41
C GLU D 92 -8.53 -5.82 -1.11
N ASP D 93 -8.67 -6.92 -0.38
CA ASP D 93 -9.31 -8.12 -0.93
C ASP D 93 -10.79 -8.14 -0.58
N THR D 94 -11.27 -7.07 0.03
CA THR D 94 -12.68 -6.93 0.35
C THR D 94 -13.46 -6.61 -0.91
N ALA D 95 -14.35 -7.53 -1.30
CA ALA D 95 -15.15 -7.37 -2.51
C ALA D 95 -16.22 -8.45 -2.58
N VAL D 96 -17.09 -8.34 -3.57
CA VAL D 96 -18.03 -9.40 -3.87
C VAL D 96 -17.37 -10.37 -4.82
N TYR D 97 -17.35 -11.64 -4.45
CA TYR D 97 -16.71 -12.67 -5.27
C TYR D 97 -17.75 -13.50 -6.01
N TYR D 98 -17.64 -13.52 -7.35
CA TYR D 98 -18.55 -14.29 -8.18
C TYR D 98 -17.86 -15.51 -8.79
N CYS D 99 -18.51 -16.66 -8.73
CA CYS D 99 -18.08 -17.80 -9.53
C CYS D 99 -18.91 -17.79 -10.80
N ALA D 100 -18.31 -18.21 -11.91
CA ALA D 100 -18.99 -18.11 -13.19
C ALA D 100 -18.60 -19.22 -14.15
N ARG D 101 -19.47 -19.49 -15.12
CA ARG D 101 -19.18 -20.45 -16.18
C ARG D 101 -18.81 -19.72 -17.46
N TYR D 102 -17.64 -20.06 -18.00
CA TYR D 102 -17.22 -19.53 -19.29
C TYR D 102 -17.61 -20.49 -20.40
N SER D 103 -18.52 -20.05 -21.27
CA SER D 103 -19.00 -20.88 -22.36
C SER D 103 -18.13 -20.74 -23.60
N TYR D 104 -17.77 -21.88 -24.19
CA TYR D 104 -16.98 -21.89 -25.41
C TYR D 104 -17.85 -21.48 -26.58
N PRO D 105 -17.24 -20.97 -27.67
CA PRO D 105 -15.81 -20.75 -27.87
C PRO D 105 -15.37 -19.32 -27.56
N PHE D 106 -16.31 -18.45 -27.21
CA PHE D 106 -16.02 -17.03 -27.04
C PHE D 106 -15.60 -16.68 -25.62
N TYR D 107 -15.67 -17.67 -24.73
CA TYR D 107 -15.41 -17.46 -23.31
C TYR D 107 -16.29 -16.36 -22.73
N SER D 108 -17.53 -16.30 -23.23
CA SER D 108 -18.53 -15.41 -22.67
C SER D 108 -19.20 -16.11 -21.49
N ILE D 109 -19.71 -15.34 -20.55
CA ILE D 109 -20.27 -15.92 -19.32
C ILE D 109 -21.78 -15.94 -19.32
N ASP D 110 -22.35 -17.14 -19.32
CA ASP D 110 -23.79 -17.33 -19.38
C ASP D 110 -24.40 -17.59 -18.00
N TYR D 111 -23.58 -18.04 -17.07
CA TYR D 111 -24.07 -18.38 -15.74
C TYR D 111 -23.14 -17.88 -14.63
N TRP D 112 -23.75 -17.25 -13.62
CA TRP D 112 -23.00 -16.67 -12.50
C TRP D 112 -23.47 -17.24 -11.18
N GLY D 113 -22.62 -17.14 -10.17
CA GLY D 113 -23.01 -17.45 -8.81
C GLY D 113 -23.79 -16.28 -8.25
N GLN D 114 -24.39 -16.45 -7.07
CA GLN D 114 -25.18 -15.39 -6.46
C GLN D 114 -24.30 -14.26 -5.94
N GLY D 115 -23.00 -14.54 -5.82
CA GLY D 115 -22.06 -13.57 -5.31
C GLY D 115 -21.98 -13.60 -3.79
N THR D 116 -20.77 -13.63 -3.26
CA THR D 116 -20.55 -13.60 -1.82
C THR D 116 -19.65 -12.42 -1.46
N LEU D 117 -20.21 -11.47 -0.71
CA LEU D 117 -19.42 -10.34 -0.23
C LEU D 117 -18.52 -10.79 0.91
N VAL D 118 -17.22 -10.56 0.75
CA VAL D 118 -16.25 -10.93 1.77
C VAL D 118 -15.49 -9.71 2.26
N THR D 119 -15.62 -9.41 3.55
CA THR D 119 -14.89 -8.30 4.15
C THR D 119 -13.65 -8.82 4.88
N VAL D 120 -12.52 -8.16 4.66
CA VAL D 120 -11.29 -8.51 5.36
C VAL D 120 -10.96 -7.45 6.41
N SER D 121 -11.17 -7.80 7.68
CA SER D 121 -10.91 -6.87 8.78
C SER D 121 -10.74 -7.62 10.10
N SER D 122 -10.09 -6.99 11.07
CA SER D 122 -9.90 -7.57 12.40
C SER D 122 -11.24 -7.72 13.12
N ALA D 123 -12.22 -6.95 12.67
CA ALA D 123 -13.57 -6.94 13.25
C ALA D 123 -13.55 -6.50 14.72
N SER D 124 -12.64 -5.61 15.06
CA SER D 124 -12.54 -5.11 16.43
C SER D 124 -13.25 -3.77 16.59
N THR D 125 -13.98 -3.63 17.68
CA THR D 125 -14.71 -2.40 17.98
C THR D 125 -13.76 -1.22 18.19
N LYS D 126 -13.99 -0.14 17.45
CA LYS D 126 -13.23 1.10 17.65
C LYS D 126 -14.16 2.30 17.70
N GLY D 127 -14.05 3.08 18.77
CA GLY D 127 -14.86 4.27 18.93
C GLY D 127 -14.47 5.37 17.96
N PRO D 128 -15.42 6.25 17.63
CA PRO D 128 -15.20 7.35 16.69
C PRO D 128 -14.52 8.56 17.34
N SER D 129 -13.81 9.34 16.53
CA SER D 129 -13.25 10.61 16.97
C SER D 129 -14.06 11.74 16.34
N VAL D 130 -14.78 12.50 17.14
CA VAL D 130 -15.61 13.58 16.64
C VAL D 130 -14.86 14.90 16.56
N PHE D 131 -14.93 15.54 15.39
CA PHE D 131 -14.31 16.85 15.18
C PHE D 131 -15.33 17.83 14.61
N PRO D 132 -15.21 19.12 14.97
CA PRO D 132 -16.14 20.13 14.48
C PRO D 132 -15.80 20.57 13.06
N LEU D 133 -16.83 20.87 12.26
CA LEU D 133 -16.63 21.36 10.90
C LEU D 133 -17.17 22.77 10.77
N ALA D 134 -16.33 23.67 10.26
CA ALA D 134 -16.72 25.06 10.07
C ALA D 134 -15.80 25.72 9.04
N PRO D 135 -16.35 26.64 8.24
CA PRO D 135 -15.55 27.37 7.26
C PRO D 135 -14.64 28.39 7.93
N CYS D 136 -13.67 28.93 7.20
CA CYS D 136 -12.71 29.87 7.77
C CYS D 136 -13.08 31.32 7.47
N SER D 137 -13.97 31.51 6.49
CA SER D 137 -14.42 32.85 6.12
C SER D 137 -15.61 33.29 6.96
N SER D 141 -21.51 38.14 4.20
CA SER D 141 -21.91 38.38 2.82
C SER D 141 -23.01 37.41 2.39
N GLU D 142 -23.14 36.30 3.12
CA GLU D 142 -24.16 35.30 2.84
C GLU D 142 -25.18 35.22 3.98
N SER D 143 -26.41 34.81 3.64
CA SER D 143 -27.50 34.81 4.60
C SER D 143 -27.68 33.46 5.29
N THR D 144 -26.94 32.45 4.83
CA THR D 144 -26.95 31.15 5.47
C THR D 144 -25.53 30.66 5.70
N ALA D 145 -25.37 29.73 6.63
CA ALA D 145 -24.06 29.19 6.96
C ALA D 145 -24.11 27.68 7.10
N ALA D 146 -23.01 27.02 6.74
CA ALA D 146 -22.91 25.58 6.86
C ALA D 146 -21.87 25.20 7.91
N LEU D 147 -22.31 24.44 8.91
CA LEU D 147 -21.41 23.89 9.92
C LEU D 147 -21.74 22.43 10.12
N GLY D 148 -20.86 21.68 10.77
CA GLY D 148 -21.11 20.27 10.98
C GLY D 148 -20.09 19.57 11.86
N CYS D 149 -20.17 18.24 11.86
CA CYS D 149 -19.28 17.41 12.67
C CYS D 149 -18.71 16.27 11.86
N LEU D 150 -17.43 15.99 12.08
CA LEU D 150 -16.76 14.87 11.44
C LEU D 150 -16.66 13.70 12.41
N VAL D 151 -17.26 12.57 12.03
CA VAL D 151 -17.20 11.36 12.83
C VAL D 151 -16.18 10.42 12.21
N LYS D 152 -14.95 10.46 12.70
CA LYS D 152 -13.83 9.82 12.02
C LYS D 152 -13.37 8.51 12.66
N ASP D 153 -13.08 7.52 11.81
CA ASP D 153 -12.42 6.28 12.21
C ASP D 153 -13.17 5.47 13.26
N TYR D 154 -14.31 4.89 12.87
CA TYR D 154 -15.07 4.05 13.80
C TYR D 154 -15.41 2.68 13.20
N PHE D 155 -15.67 1.72 14.07
CA PHE D 155 -16.05 0.38 13.67
C PHE D 155 -16.75 -0.34 14.82
N PRO D 156 -17.85 -1.05 14.51
CA PRO D 156 -18.48 -1.10 13.18
C PRO D 156 -19.70 -0.18 13.11
N GLU D 157 -20.55 -0.41 12.12
CA GLU D 157 -21.76 0.38 11.91
C GLU D 157 -22.77 0.14 13.03
N PRO D 158 -23.70 1.08 13.24
CA PRO D 158 -23.83 2.38 12.57
C PRO D 158 -23.52 3.53 13.53
N VAL D 159 -23.74 4.75 13.08
CA VAL D 159 -23.60 5.93 13.92
C VAL D 159 -24.78 6.87 13.69
N THR D 160 -25.48 7.22 14.76
CA THR D 160 -26.59 8.16 14.67
C THR D 160 -26.15 9.55 15.10
N VAL D 161 -26.64 10.56 14.39
CA VAL D 161 -26.29 11.95 14.70
C VAL D 161 -27.52 12.84 14.76
N SER D 162 -27.68 13.55 15.87
CA SER D 162 -28.74 14.54 16.00
C SER D 162 -28.12 15.90 16.26
N TRP D 163 -28.95 16.94 16.26
CA TRP D 163 -28.47 18.30 16.50
C TRP D 163 -29.30 19.01 17.55
N ASN D 164 -28.62 19.59 18.54
CA ASN D 164 -29.27 20.24 19.67
C ASN D 164 -30.28 19.33 20.36
N SER D 165 -29.91 18.06 20.49
CA SER D 165 -30.74 17.05 21.14
C SER D 165 -32.08 16.88 20.45
N GLY D 166 -32.07 16.89 19.12
CA GLY D 166 -33.26 16.65 18.34
C GLY D 166 -34.10 17.89 18.09
N ALA D 167 -33.75 18.99 18.77
CA ALA D 167 -34.48 20.24 18.64
C ALA D 167 -34.27 20.87 17.27
N LEU D 168 -33.15 20.54 16.63
CA LEU D 168 -32.82 21.07 15.31
C LEU D 168 -32.89 19.95 14.27
N THR D 169 -33.73 20.14 13.25
CA THR D 169 -33.91 19.13 12.21
C THR D 169 -33.87 19.71 10.80
N SER D 170 -34.35 20.94 10.66
CA SER D 170 -34.34 21.61 9.36
C SER D 170 -32.91 21.91 8.92
N GLY D 171 -32.59 21.58 7.68
CA GLY D 171 -31.27 21.81 7.14
C GLY D 171 -30.28 20.71 7.49
N VAL D 172 -30.67 19.83 8.40
CA VAL D 172 -29.80 18.74 8.82
C VAL D 172 -29.71 17.65 7.76
N HIS D 173 -28.49 17.38 7.31
CA HIS D 173 -28.23 16.28 6.38
C HIS D 173 -27.10 15.42 6.91
N THR D 174 -27.42 14.18 7.26
CA THR D 174 -26.40 13.24 7.71
C THR D 174 -26.06 12.28 6.57
N PHE D 175 -24.79 12.31 6.15
CA PHE D 175 -24.36 11.57 4.98
C PHE D 175 -23.98 10.14 5.32
N PRO D 176 -24.30 9.20 4.42
CA PRO D 176 -23.89 7.79 4.52
C PRO D 176 -22.40 7.68 4.73
N ALA D 177 -21.97 6.74 5.55
CA ALA D 177 -20.56 6.63 5.92
C ALA D 177 -19.68 6.16 4.76
N VAL D 178 -18.37 6.35 4.92
CA VAL D 178 -17.40 5.88 3.94
C VAL D 178 -16.55 4.78 4.55
N LEU D 179 -16.31 3.72 3.79
CA LEU D 179 -15.44 2.65 4.23
C LEU D 179 -14.01 2.91 3.75
N GLN D 180 -13.14 3.29 4.68
CA GLN D 180 -11.76 3.61 4.35
C GLN D 180 -10.97 2.36 3.97
N SER D 181 -9.81 2.58 3.35
CA SER D 181 -8.93 1.49 2.96
C SER D 181 -8.36 0.78 4.19
N SER D 182 -8.39 1.46 5.32
CA SER D 182 -7.92 0.91 6.58
C SER D 182 -8.95 -0.06 7.16
N GLY D 183 -10.14 -0.05 6.58
CA GLY D 183 -11.23 -0.90 7.05
C GLY D 183 -12.13 -0.20 8.06
N LEU D 184 -11.83 1.07 8.33
CA LEU D 184 -12.62 1.85 9.27
C LEU D 184 -13.63 2.74 8.57
N TYR D 185 -14.65 3.18 9.31
CA TYR D 185 -15.70 4.02 8.75
C TYR D 185 -15.56 5.47 9.19
N SER D 186 -15.98 6.39 8.34
CA SER D 186 -16.08 7.80 8.69
C SER D 186 -17.41 8.36 8.21
N LEU D 187 -17.92 9.36 8.93
CA LEU D 187 -19.25 9.90 8.65
C LEU D 187 -19.21 11.40 8.88
N SER D 188 -20.05 12.14 8.16
CA SER D 188 -20.17 13.57 8.37
C SER D 188 -21.63 14.00 8.37
N SER D 189 -21.96 14.95 9.25
CA SER D 189 -23.29 15.54 9.27
C SER D 189 -23.17 17.05 9.21
N VAL D 190 -24.09 17.69 8.50
CA VAL D 190 -24.09 19.15 8.39
C VAL D 190 -25.48 19.73 8.60
N VAL D 191 -25.54 21.05 8.69
CA VAL D 191 -26.79 21.75 8.90
C VAL D 191 -26.66 23.18 8.39
N THR D 192 -27.69 23.66 7.70
CA THR D 192 -27.70 25.03 7.19
C THR D 192 -28.52 25.92 8.12
N VAL D 193 -27.86 26.91 8.70
CA VAL D 193 -28.47 27.75 9.72
C VAL D 193 -28.37 29.23 9.35
N PRO D 194 -29.27 30.06 9.90
CA PRO D 194 -29.22 31.51 9.68
C PRO D 194 -27.87 32.12 10.01
N SER D 195 -27.34 32.92 9.09
CA SER D 195 -26.04 33.55 9.28
C SER D 195 -26.10 34.69 10.29
N SER D 196 -27.29 35.23 10.52
CA SER D 196 -27.47 36.37 11.41
C SER D 196 -27.16 36.03 12.86
N SER D 197 -27.76 34.94 13.34
CA SER D 197 -27.57 34.52 14.72
C SER D 197 -26.50 33.43 14.83
N LEU D 198 -25.31 33.71 14.28
CA LEU D 198 -24.24 32.74 14.30
C LEU D 198 -23.29 32.98 15.47
N GLY D 199 -23.31 34.21 15.97
CA GLY D 199 -22.48 34.58 17.12
C GLY D 199 -23.26 34.58 18.42
N THR D 200 -24.54 34.26 18.34
CA THR D 200 -25.39 34.20 19.53
C THR D 200 -25.88 32.78 19.79
N LYS D 201 -26.66 32.24 18.86
CA LYS D 201 -27.20 30.89 19.01
C LYS D 201 -26.11 29.84 18.82
N THR D 202 -26.21 28.73 19.54
CA THR D 202 -25.19 27.70 19.52
C THR D 202 -25.69 26.42 18.88
N TYR D 203 -24.75 25.56 18.48
CA TYR D 203 -25.09 24.34 17.75
C TYR D 203 -24.21 23.16 18.18
N THR D 204 -24.85 22.04 18.47
CA THR D 204 -24.18 20.88 19.04
C THR D 204 -24.65 19.61 18.35
N CYS D 205 -23.69 18.74 18.01
CA CYS D 205 -24.04 17.43 17.46
C CYS D 205 -23.94 16.37 18.55
N ASN D 206 -24.90 15.44 18.55
CA ASN D 206 -24.98 14.42 19.57
C ASN D 206 -24.70 13.04 18.99
N VAL D 207 -23.43 12.78 18.70
CA VAL D 207 -23.00 11.55 18.06
C VAL D 207 -23.13 10.34 18.98
N ASP D 208 -23.74 9.27 18.48
CA ASP D 208 -23.88 8.03 19.23
C ASP D 208 -23.38 6.84 18.45
N HIS D 209 -22.46 6.09 19.04
CA HIS D 209 -21.97 4.85 18.44
C HIS D 209 -22.21 3.70 19.41
N LYS D 210 -23.39 3.09 19.30
CA LYS D 210 -23.80 1.97 20.16
C LYS D 210 -22.80 0.81 20.28
N PRO D 211 -22.21 0.35 19.15
CA PRO D 211 -21.25 -0.76 19.27
C PRO D 211 -20.06 -0.49 20.19
N SER D 212 -19.68 0.77 20.37
CA SER D 212 -18.56 1.10 21.25
C SER D 212 -19.03 1.79 22.53
N ASN D 213 -20.34 1.95 22.65
CA ASN D 213 -20.94 2.67 23.78
C ASN D 213 -20.38 4.09 23.90
N THR D 214 -20.18 4.72 22.75
CA THR D 214 -19.65 6.08 22.68
C THR D 214 -20.76 7.09 22.49
N LYS D 215 -20.80 8.10 23.34
CA LYS D 215 -21.80 9.15 23.27
C LYS D 215 -21.16 10.52 23.45
N VAL D 216 -20.65 11.06 22.34
CA VAL D 216 -19.96 12.35 22.37
C VAL D 216 -20.90 13.48 21.97
N ASP D 217 -20.78 14.61 22.67
CA ASP D 217 -21.49 15.83 22.28
C ASP D 217 -20.47 16.89 21.93
N LYS D 218 -20.43 17.29 20.66
CA LYS D 218 -19.43 18.25 20.21
C LYS D 218 -20.05 19.58 19.78
N ARG D 219 -19.68 20.65 20.45
CA ARG D 219 -20.12 21.98 20.08
C ARG D 219 -19.25 22.53 18.96
N VAL D 220 -19.88 23.17 17.99
CA VAL D 220 -19.17 23.67 16.82
C VAL D 220 -19.02 25.19 16.87
N HIS D 221 -17.85 25.70 17.12
CA HIS D 221 -17.67 27.11 17.15
C HIS D 221 -17.09 27.57 15.83
N HIS D 222 -16.78 28.84 15.71
CA HIS D 222 -16.12 29.35 14.54
C HIS D 222 -14.70 28.90 14.59
N HIS D 223 -13.87 29.32 13.65
CA HIS D 223 -12.46 29.04 13.68
C HIS D 223 -12.28 28.11 12.53
N HIS D 224 -11.09 27.56 12.35
CA HIS D 224 -10.84 26.30 11.66
C HIS D 224 -9.46 26.21 11.08
#